data_7B9E
#
_entry.id   7B9E
#
_cell.length_a   58.517
_cell.length_b   58.546
_cell.length_c   74.194
_cell.angle_alpha   96.93
_cell.angle_beta   91.45
_cell.angle_gamma   104.74
#
_symmetry.space_group_name_H-M   'P 1'
#
loop_
_entity.id
_entity.type
_entity.pdbx_description
1 polymer 'UDP-N-acetylmuramoyl-L-alanyl-D-glutamate-2,6-diaminopimelate ligase'
2 non-polymer 4-chloro-N-cyclopentyl-1-methyl-1H-pyrazole-3-carboxamide
3 non-polymer 'ISOPROPYL ALCOHOL'
4 water water
#
_entity_poly.entity_id   1
_entity_poly.type   'polypeptide(L)'
_entity_poly.pdbx_seq_one_letter_code
;SMADRNLRDLLAPWVPDAPSRALREMTLDSRVAAAGDLFVAVVGHQADGRRYIPQAIAQGVAAIIAEAKDEATDGEIREM
HGVPVIYLSQLNERLSALAGRFYHEPSDNLRLVGVTGTNGKTTTTQLLAQWSQLLGEISAVMGTVGNGLLGKVIPTENTT
GSAVDVQHELAGLVDQGATFCAMEVSSHGLVQHRVAALKFAASVFTNLSRDHLDYHGDMEHYEAAKWLLYSEHHCGQAII
NADDEVGRRWLAKLPDAVAVSMEDHINPNCHGRWLKATEVNYHDSGATIRFSSSWGDGEIESHLMGAFNVSNLLLALATL
LALGYPLADLLKTAARLQPVCGRMEVFTAPGKPTVVVDYAHTPDALEKALQAARLHCAGKLWCVFGCGGDRDKGKRPLMG
AIAEEFADVAVVTDDNPRTEEPRAIINDILAGMLDAGHAKVMEGRAEAVTCAVMQAKENDVVLVAGKGHEDYQIVGNQRL
DYSDRVTVARLLGVIA
;
_entity_poly.pdbx_strand_id   A,B
#
loop_
_chem_comp.id
_chem_comp.type
_chem_comp.name
_chem_comp.formula
IPA non-polymer 'ISOPROPYL ALCOHOL' 'C3 H8 O'
JHP non-polymer 4-chloro-N-cyclopentyl-1-methyl-1H-pyrazole-3-carboxamide 'C10 H14 Cl N3 O'
#
# COMPACT_ATOMS: atom_id res chain seq x y z
N ARG A 5 18.44 -5.67 15.23
CA ARG A 5 17.37 -5.66 16.29
C ARG A 5 17.93 -5.26 17.63
N ASN A 6 17.42 -4.14 18.17
CA ASN A 6 17.88 -3.55 19.42
C ASN A 6 16.70 -3.34 20.38
N LEU A 7 16.92 -3.67 21.66
CA LEU A 7 15.91 -3.52 22.70
C LEU A 7 15.41 -2.09 22.79
N ARG A 8 16.34 -1.13 22.67
CA ARG A 8 16.05 0.30 22.71
C ARG A 8 15.15 0.71 21.53
N ASP A 9 15.52 0.27 20.33
N ASP A 9 15.52 0.27 20.33
CA ASP A 9 14.75 0.53 19.11
CA ASP A 9 14.74 0.53 19.10
C ASP A 9 13.36 -0.11 19.20
C ASP A 9 13.36 -0.12 19.20
N LEU A 10 13.35 -1.42 19.55
CA LEU A 10 12.12 -2.19 19.71
C LEU A 10 11.09 -1.49 20.59
N LEU A 11 11.55 -1.00 21.74
CA LEU A 11 10.68 -0.42 22.77
C LEU A 11 10.50 1.10 22.69
N ALA A 12 11.22 1.76 21.78
CA ALA A 12 11.17 3.22 21.62
C ALA A 12 9.76 3.80 21.66
N PRO A 13 8.77 3.26 20.89
CA PRO A 13 7.42 3.79 20.93
C PRO A 13 6.72 3.78 22.30
N TRP A 14 7.16 2.87 23.20
CA TRP A 14 6.47 2.63 24.47
C TRP A 14 7.31 2.97 25.71
N VAL A 15 8.59 2.55 25.71
CA VAL A 15 9.52 2.77 26.83
C VAL A 15 10.65 3.68 26.38
N PRO A 16 10.59 5.00 26.71
CA PRO A 16 11.59 5.97 26.24
C PRO A 16 13.06 5.65 26.48
N ASP A 17 13.43 5.32 27.72
CA ASP A 17 14.84 5.15 28.07
C ASP A 17 15.19 3.69 28.35
N ALA A 18 14.95 2.82 27.36
CA ALA A 18 15.23 1.41 27.48
C ALA A 18 16.70 1.12 27.11
N PRO A 19 17.37 0.18 27.82
CA PRO A 19 18.77 -0.14 27.52
C PRO A 19 18.99 -0.61 26.07
N SER A 20 20.20 -0.41 25.56
CA SER A 20 20.59 -0.82 24.22
C SER A 20 21.22 -2.23 24.24
N ARG A 21 20.50 -3.20 23.65
CA ARG A 21 20.95 -4.59 23.54
C ARG A 21 20.65 -5.18 22.18
N ALA A 22 21.63 -5.89 21.61
CA ALA A 22 21.45 -6.63 20.36
C ALA A 22 20.64 -7.90 20.64
N LEU A 23 19.60 -8.11 19.84
CA LEU A 23 18.64 -9.20 20.02
C LEU A 23 18.63 -10.10 18.80
N ARG A 24 18.52 -11.42 19.02
CA ARG A 24 18.50 -12.41 17.95
C ARG A 24 17.06 -12.73 17.55
N GLU A 25 16.44 -13.69 18.25
CA GLU A 25 15.05 -14.07 18.05
C GLU A 25 14.19 -13.62 19.21
N MET A 26 12.87 -13.68 19.00
CA MET A 26 11.87 -13.33 19.99
C MET A 26 11.05 -14.57 20.24
N THR A 27 10.91 -14.95 21.51
CA THR A 27 10.23 -16.20 21.89
C THR A 27 9.44 -16.09 23.20
N LEU A 28 8.30 -16.80 23.25
CA LEU A 28 7.46 -16.93 24.44
C LEU A 28 7.86 -18.15 25.28
N ASP A 29 8.59 -19.08 24.65
CA ASP A 29 8.97 -20.35 25.24
C ASP A 29 10.38 -20.28 25.81
N SER A 30 10.49 -20.42 27.14
CA SER A 30 11.76 -20.37 27.85
C SER A 30 12.67 -21.54 27.53
N ARG A 31 12.08 -22.64 27.05
CA ARG A 31 12.80 -23.87 26.75
C ARG A 31 13.62 -23.77 25.47
N VAL A 32 13.22 -22.87 24.55
CA VAL A 32 13.96 -22.62 23.31
C VAL A 32 14.72 -21.29 23.32
N ALA A 33 14.58 -20.53 24.42
CA ALA A 33 15.25 -19.23 24.59
C ALA A 33 16.77 -19.39 24.61
N ALA A 34 17.39 -19.12 23.45
CA ALA A 34 18.84 -19.24 23.26
C ALA A 34 19.57 -17.98 23.72
N ALA A 35 20.91 -17.99 23.56
CA ALA A 35 21.74 -16.83 23.86
C ALA A 35 21.49 -15.75 22.83
N GLY A 36 21.30 -14.52 23.31
CA GLY A 36 21.06 -13.36 22.48
C GLY A 36 19.58 -13.06 22.23
N ASP A 37 18.70 -13.99 22.59
CA ASP A 37 17.27 -13.88 22.32
C ASP A 37 16.57 -12.87 23.21
N LEU A 38 15.41 -12.40 22.73
CA LEU A 38 14.45 -11.68 23.55
C LEU A 38 13.44 -12.70 24.03
N PHE A 39 13.31 -12.82 25.37
CA PHE A 39 12.30 -13.67 25.98
C PHE A 39 11.14 -12.81 26.42
N VAL A 40 9.92 -13.24 26.10
CA VAL A 40 8.70 -12.53 26.46
C VAL A 40 7.91 -13.36 27.46
N ALA A 41 7.82 -12.86 28.70
CA ALA A 41 7.17 -13.54 29.81
C ALA A 41 5.71 -13.10 29.91
N VAL A 42 4.79 -13.97 29.47
CA VAL A 42 3.37 -13.67 29.40
C VAL A 42 2.58 -14.48 30.42
N VAL A 43 1.41 -13.95 30.82
CA VAL A 43 0.45 -14.64 31.68
C VAL A 43 -0.78 -14.98 30.86
N GLY A 44 -1.29 -16.20 31.02
CA GLY A 44 -2.39 -16.70 30.20
C GLY A 44 -3.15 -17.88 30.78
N HIS A 45 -3.04 -19.02 30.08
CA HIS A 45 -3.81 -20.23 30.40
C HIS A 45 -3.39 -20.83 31.76
N GLN A 46 -3.83 -20.20 32.85
CA GLN A 46 -3.42 -20.55 34.22
C GLN A 46 -1.90 -20.70 34.35
N ALA A 47 -1.17 -20.18 33.35
CA ALA A 47 0.28 -20.34 33.20
C ALA A 47 0.94 -18.96 33.12
N ASP A 48 2.11 -18.84 33.77
CA ASP A 48 2.80 -17.58 33.96
C ASP A 48 4.27 -17.74 33.57
N GLY A 49 4.64 -17.14 32.42
CA GLY A 49 5.99 -17.16 31.91
C GLY A 49 7.04 -16.46 32.76
N ARG A 50 6.59 -15.62 33.69
CA ARG A 50 7.48 -14.95 34.65
C ARG A 50 8.14 -15.92 35.64
N ARG A 51 7.52 -17.09 35.83
CA ARG A 51 8.11 -18.19 36.59
C ARG A 51 9.48 -18.58 36.01
N TYR A 52 9.58 -18.58 34.67
CA TYR A 52 10.76 -19.06 33.96
C TYR A 52 11.77 -17.96 33.58
N ILE A 53 11.77 -16.85 34.33
CA ILE A 53 12.71 -15.75 34.13
C ILE A 53 14.13 -16.17 34.47
N PRO A 54 14.37 -16.80 35.65
CA PRO A 54 15.72 -17.25 36.01
C PRO A 54 16.28 -18.34 35.07
N GLN A 55 15.39 -19.21 34.58
CA GLN A 55 15.73 -20.22 33.57
C GLN A 55 16.30 -19.55 32.30
N ALA A 56 15.58 -18.55 31.80
CA ALA A 56 15.96 -17.80 30.60
C ALA A 56 17.28 -17.06 30.78
N ILE A 57 17.40 -16.33 31.89
CA ILE A 57 18.63 -15.63 32.26
C ILE A 57 19.80 -16.61 32.29
N ALA A 58 19.59 -17.77 32.92
CA ALA A 58 20.58 -18.83 32.99
C ALA A 58 20.95 -19.38 31.60
N GLN A 59 19.99 -19.37 30.68
CA GLN A 59 20.20 -19.79 29.29
C GLN A 59 20.76 -18.67 28.39
N GLY A 60 20.89 -17.47 28.95
CA GLY A 60 21.69 -16.40 28.37
C GLY A 60 21.00 -15.46 27.41
N VAL A 61 19.69 -15.24 27.63
CA VAL A 61 18.93 -14.28 26.83
C VAL A 61 19.53 -12.88 27.00
N ALA A 62 19.48 -12.10 25.92
CA ALA A 62 20.00 -10.74 25.90
C ALA A 62 19.14 -9.81 26.75
N ALA A 63 17.82 -10.06 26.75
CA ALA A 63 16.86 -9.25 27.50
C ALA A 63 15.51 -9.94 27.63
N ILE A 64 14.67 -9.39 28.52
CA ILE A 64 13.34 -9.91 28.80
C ILE A 64 12.31 -8.78 28.86
N ILE A 65 11.12 -9.04 28.31
CA ILE A 65 9.96 -8.19 28.44
C ILE A 65 8.89 -9.05 29.10
N ALA A 66 8.29 -8.53 30.18
CA ALA A 66 7.43 -9.32 31.05
C ALA A 66 6.12 -8.60 31.38
N GLU A 67 5.11 -9.39 31.76
CA GLU A 67 3.82 -8.87 32.19
C GLU A 67 4.01 -8.12 33.51
N ALA A 68 3.46 -6.91 33.58
CA ALA A 68 3.62 -6.02 34.73
C ALA A 68 2.62 -6.28 35.87
N LYS A 69 1.51 -6.94 35.54
CA LYS A 69 0.42 -7.21 36.48
C LYS A 69 0.92 -7.75 37.83
N ASP A 70 0.68 -6.97 38.91
CA ASP A 70 1.05 -7.30 40.29
C ASP A 70 2.54 -7.18 40.64
N GLU A 71 3.40 -7.26 39.63
CA GLU A 71 4.84 -7.32 39.82
C GLU A 71 5.55 -5.97 39.64
N ALA A 72 4.99 -5.10 38.80
CA ALA A 72 5.65 -3.86 38.40
C ALA A 72 4.72 -2.86 37.73
N THR A 73 5.23 -1.65 37.48
CA THR A 73 4.51 -0.60 36.76
C THR A 73 4.82 -0.72 35.26
N ASP A 74 3.97 -0.08 34.45
CA ASP A 74 4.08 -0.13 32.98
C ASP A 74 5.31 0.63 32.52
N GLY A 75 6.22 -0.07 31.84
CA GLY A 75 7.47 0.49 31.36
C GLY A 75 8.56 0.54 32.42
N GLU A 76 8.38 -0.19 33.52
CA GLU A 76 9.36 -0.25 34.59
C GLU A 76 10.56 -1.05 34.12
N ILE A 77 11.74 -0.43 34.22
CA ILE A 77 13.01 -1.04 33.81
C ILE A 77 13.75 -1.55 35.03
N ARG A 78 13.86 -2.89 35.13
CA ARG A 78 14.67 -3.56 36.14
C ARG A 78 15.77 -4.35 35.46
N GLU A 79 16.70 -4.85 36.27
CA GLU A 79 17.78 -5.69 35.80
C GLU A 79 18.00 -6.85 36.77
N MET A 80 18.15 -8.06 36.21
CA MET A 80 18.35 -9.27 36.98
C MET A 80 19.52 -10.04 36.39
N HIS A 81 20.61 -10.15 37.18
CA HIS A 81 21.87 -10.80 36.79
C HIS A 81 22.46 -10.23 35.51
N GLY A 82 22.36 -8.91 35.35
CA GLY A 82 22.88 -8.18 34.20
C GLY A 82 21.99 -8.18 32.96
N VAL A 83 20.80 -8.76 33.07
CA VAL A 83 19.85 -8.89 31.96
C VAL A 83 18.69 -7.91 32.17
N PRO A 84 18.43 -6.98 31.22
CA PRO A 84 17.28 -6.08 31.34
C PRO A 84 15.93 -6.81 31.33
N VAL A 85 15.14 -6.63 32.39
CA VAL A 85 13.77 -7.10 32.47
C VAL A 85 12.88 -5.86 32.46
N ILE A 86 12.06 -5.73 31.41
CA ILE A 86 11.20 -4.58 31.21
C ILE A 86 9.74 -5.03 31.25
N TYR A 87 8.94 -4.34 32.07
CA TYR A 87 7.57 -4.72 32.35
C TYR A 87 6.56 -3.85 31.59
N LEU A 88 5.58 -4.52 30.96
CA LEU A 88 4.54 -3.88 30.17
C LEU A 88 3.18 -4.41 30.59
N SER A 89 2.28 -3.50 30.99
N SER A 89 2.27 -3.51 30.99
CA SER A 89 0.91 -3.85 31.36
CA SER A 89 0.91 -3.85 31.37
C SER A 89 0.12 -4.28 30.13
C SER A 89 0.12 -4.27 30.14
N GLN A 90 -0.77 -5.26 30.33
CA GLN A 90 -1.60 -5.83 29.26
C GLN A 90 -0.76 -6.26 28.06
N LEU A 91 0.29 -7.04 28.34
CA LEU A 91 1.26 -7.51 27.34
C LEU A 91 0.65 -8.41 26.26
N ASN A 92 -0.40 -9.15 26.62
CA ASN A 92 -1.12 -10.01 25.68
C ASN A 92 -1.70 -9.22 24.52
N GLU A 93 -2.28 -8.05 24.82
CA GLU A 93 -2.85 -7.17 23.81
C GLU A 93 -1.78 -6.60 22.88
N ARG A 94 -0.60 -6.30 23.45
CA ARG A 94 0.48 -5.56 22.78
C ARG A 94 1.51 -6.46 22.08
N LEU A 95 1.32 -7.78 22.21
CA LEU A 95 2.28 -8.76 21.72
C LEU A 95 2.42 -8.69 20.20
N SER A 96 1.29 -8.60 19.50
CA SER A 96 1.26 -8.50 18.03
C SER A 96 2.01 -7.25 17.54
N ALA A 97 1.73 -6.11 18.18
CA ALA A 97 2.42 -4.85 17.89
C ALA A 97 3.91 -4.96 18.19
N LEU A 98 4.23 -5.59 19.33
CA LEU A 98 5.61 -5.76 19.77
C LEU A 98 6.37 -6.61 18.76
N ALA A 99 5.78 -7.75 18.40
CA ALA A 99 6.32 -8.69 17.43
C ALA A 99 6.41 -8.08 16.03
N GLY A 100 5.39 -7.29 15.66
CA GLY A 100 5.36 -6.57 14.40
C GLY A 100 6.56 -5.66 14.21
N ARG A 101 6.84 -4.83 15.23
CA ARG A 101 7.99 -3.93 15.23
C ARG A 101 9.31 -4.70 15.19
N PHE A 102 9.37 -5.79 15.95
CA PHE A 102 10.54 -6.65 15.99
C PHE A 102 10.89 -7.25 14.62
N TYR A 103 9.85 -7.66 13.88
CA TYR A 103 10.01 -8.32 12.58
C TYR A 103 9.81 -7.39 11.38
N HIS A 104 10.01 -6.08 11.61
CA HIS A 104 10.05 -5.05 10.59
C HIS A 104 8.74 -4.94 9.79
N GLU A 105 7.62 -4.97 10.53
CA GLU A 105 6.27 -4.70 10.01
C GLU A 105 5.98 -5.44 8.71
N PRO A 106 5.88 -6.78 8.75
CA PRO A 106 5.64 -7.57 7.53
C PRO A 106 4.39 -7.16 6.74
N SER A 107 3.28 -6.88 7.44
CA SER A 107 2.02 -6.55 6.79
C SER A 107 1.99 -5.16 6.13
N ASP A 108 2.98 -4.32 6.46
CA ASP A 108 3.22 -3.05 5.77
C ASP A 108 4.13 -3.23 4.54
N ASN A 109 4.66 -4.44 4.34
CA ASN A 109 5.56 -4.76 3.22
C ASN A 109 5.04 -5.84 2.28
N LEU A 110 3.74 -6.15 2.39
CA LEU A 110 3.02 -6.91 1.38
C LEU A 110 1.53 -6.61 1.51
N ARG A 111 0.78 -6.94 0.46
N ARG A 111 0.78 -6.94 0.46
CA ARG A 111 -0.67 -6.79 0.44
CA ARG A 111 -0.67 -6.79 0.44
C ARG A 111 -1.28 -7.98 1.17
C ARG A 111 -1.28 -7.99 1.18
N LEU A 112 -1.76 -7.75 2.40
CA LEU A 112 -2.31 -8.80 3.26
C LEU A 112 -3.83 -8.76 3.22
N VAL A 113 -4.44 -9.93 2.94
CA VAL A 113 -5.89 -10.08 2.95
C VAL A 113 -6.27 -11.12 3.98
N GLY A 114 -7.11 -10.71 4.93
CA GLY A 114 -7.66 -11.59 5.95
C GLY A 114 -9.03 -12.11 5.54
N VAL A 115 -9.21 -13.42 5.60
CA VAL A 115 -10.50 -14.07 5.34
C VAL A 115 -11.02 -14.66 6.64
N THR A 116 -12.21 -14.23 7.04
CA THR A 116 -12.88 -14.68 8.26
C THR A 116 -14.23 -15.31 7.90
N GLY A 117 -14.78 -16.12 8.83
CA GLY A 117 -16.02 -16.84 8.66
C GLY A 117 -15.85 -18.30 9.03
N THR A 118 -16.95 -19.06 9.00
CA THR A 118 -16.92 -20.48 9.35
C THR A 118 -16.36 -21.33 8.23
N ASN A 119 -16.99 -21.24 7.04
CA ASN A 119 -16.60 -22.05 5.88
C ASN A 119 -16.03 -21.21 4.77
N GLY A 120 -15.32 -21.87 3.86
CA GLY A 120 -14.78 -21.25 2.67
C GLY A 120 -13.52 -20.40 2.85
N LYS A 121 -12.94 -20.43 4.06
N LYS A 121 -12.94 -20.44 4.06
CA LYS A 121 -11.73 -19.67 4.37
CA LYS A 121 -11.74 -19.70 4.42
C LYS A 121 -10.54 -20.13 3.55
C LYS A 121 -10.54 -20.14 3.56
N THR A 122 -10.33 -21.46 3.50
CA THR A 122 -9.19 -22.06 2.81
C THR A 122 -9.28 -21.88 1.30
N THR A 123 -10.47 -22.12 0.75
CA THR A 123 -10.73 -21.98 -0.68
C THR A 123 -10.60 -20.53 -1.12
N THR A 124 -11.18 -19.62 -0.34
CA THR A 124 -11.14 -18.20 -0.66
C THR A 124 -9.70 -17.66 -0.57
N THR A 125 -8.98 -18.08 0.46
CA THR A 125 -7.55 -17.80 0.62
C THR A 125 -6.75 -18.22 -0.62
N GLN A 126 -6.90 -19.48 -1.04
N GLN A 126 -6.91 -19.48 -1.04
CA GLN A 126 -6.17 -20.04 -2.17
CA GLN A 126 -6.16 -20.02 -2.17
C GLN A 126 -6.48 -19.34 -3.50
C GLN A 126 -6.48 -19.33 -3.50
N LEU A 127 -7.76 -18.98 -3.70
CA LEU A 127 -8.19 -18.24 -4.88
C LEU A 127 -7.55 -16.84 -4.95
N LEU A 128 -7.56 -16.12 -3.82
CA LEU A 128 -6.94 -14.81 -3.70
C LEU A 128 -5.45 -14.89 -4.05
N ALA A 129 -4.75 -15.83 -3.42
CA ALA A 129 -3.33 -16.04 -3.67
C ALA A 129 -3.06 -16.38 -5.14
N GLN A 130 -3.86 -17.31 -5.69
CA GLN A 130 -3.76 -17.71 -7.10
C GLN A 130 -3.99 -16.55 -8.06
N TRP A 131 -5.13 -15.87 -7.89
CA TRP A 131 -5.57 -14.87 -8.85
C TRP A 131 -4.61 -13.68 -8.84
N SER A 132 -4.17 -13.30 -7.64
CA SER A 132 -3.24 -12.19 -7.49
C SER A 132 -1.91 -12.56 -8.14
N GLN A 133 -1.48 -13.81 -7.94
CA GLN A 133 -0.23 -14.29 -8.53
C GLN A 133 -0.30 -14.35 -10.06
N LEU A 134 -1.48 -14.69 -10.58
CA LEU A 134 -1.73 -14.70 -12.02
C LEU A 134 -1.64 -13.29 -12.62
N LEU A 135 -1.85 -12.26 -11.80
CA LEU A 135 -1.77 -10.86 -12.23
C LEU A 135 -0.40 -10.22 -11.94
N GLY A 136 0.58 -11.04 -11.53
CA GLY A 136 1.97 -10.61 -11.39
C GLY A 136 2.54 -10.58 -9.98
N GLU A 137 1.71 -10.84 -8.96
CA GLU A 137 2.19 -10.92 -7.58
C GLU A 137 2.94 -12.23 -7.37
N ILE A 138 3.80 -12.26 -6.36
CA ILE A 138 4.30 -13.51 -5.79
C ILE A 138 3.47 -13.67 -4.52
N SER A 139 2.52 -14.61 -4.56
CA SER A 139 1.51 -14.74 -3.53
C SER A 139 1.76 -15.90 -2.58
N ALA A 140 1.27 -15.75 -1.36
CA ALA A 140 1.43 -16.75 -0.30
C ALA A 140 0.10 -16.91 0.43
N VAL A 141 0.04 -17.94 1.27
CA VAL A 141 -1.12 -18.21 2.11
C VAL A 141 -0.64 -18.59 3.50
N MET A 142 -1.45 -18.24 4.49
CA MET A 142 -1.30 -18.72 5.85
C MET A 142 -2.68 -19.21 6.27
N GLY A 143 -2.80 -20.52 6.52
CA GLY A 143 -4.08 -21.14 6.84
C GLY A 143 -3.99 -22.49 7.53
N THR A 144 -5.16 -23.12 7.72
CA THR A 144 -5.30 -24.37 8.45
C THR A 144 -4.46 -25.51 7.84
N VAL A 145 -4.38 -25.52 6.50
CA VAL A 145 -3.51 -26.42 5.76
C VAL A 145 -2.07 -26.13 6.18
N GLY A 146 -1.66 -24.86 6.03
CA GLY A 146 -0.35 -24.39 6.45
C GLY A 146 0.06 -23.06 5.84
N ASN A 147 1.31 -22.67 6.05
CA ASN A 147 1.88 -21.42 5.54
C ASN A 147 2.90 -21.67 4.44
N GLY A 148 3.09 -20.68 3.58
CA GLY A 148 4.12 -20.71 2.55
C GLY A 148 3.69 -20.05 1.26
N LEU A 149 4.68 -19.78 0.39
CA LEU A 149 4.43 -19.31 -0.95
C LEU A 149 3.57 -20.35 -1.67
N LEU A 150 2.70 -19.86 -2.56
CA LEU A 150 1.82 -20.70 -3.35
C LEU A 150 2.63 -21.83 -4.01
N GLY A 151 2.30 -23.08 -3.68
CA GLY A 151 3.01 -24.26 -4.18
C GLY A 151 3.93 -24.90 -3.14
N LYS A 152 4.49 -24.08 -2.25
CA LYS A 152 5.41 -24.53 -1.20
C LYS A 152 4.81 -24.35 0.20
N VAL A 153 3.58 -24.81 0.39
CA VAL A 153 2.88 -24.69 1.66
C VAL A 153 3.17 -25.90 2.55
N ILE A 154 3.46 -25.65 3.85
CA ILE A 154 3.74 -26.71 4.82
C ILE A 154 3.11 -26.42 6.18
N PRO A 155 2.66 -27.44 6.94
CA PRO A 155 1.88 -27.23 8.17
C PRO A 155 2.48 -26.21 9.15
N GLY A 161 0.02 -21.53 18.19
CA GLY A 161 0.33 -20.44 17.28
C GLY A 161 -0.06 -19.09 17.86
N SER A 162 0.96 -18.31 18.27
CA SER A 162 0.79 -17.05 18.99
C SER A 162 0.85 -15.80 18.10
N ALA A 163 0.65 -14.63 18.71
CA ALA A 163 0.76 -13.33 18.05
C ALA A 163 2.17 -13.11 17.46
N VAL A 164 3.18 -13.67 18.14
CA VAL A 164 4.58 -13.58 17.71
C VAL A 164 4.82 -14.45 16.49
N ASP A 165 4.27 -15.67 16.52
CA ASP A 165 4.41 -16.64 15.43
C ASP A 165 3.82 -16.12 14.12
N VAL A 166 2.64 -15.49 14.22
CA VAL A 166 1.97 -14.90 13.07
C VAL A 166 2.88 -13.85 12.41
N GLN A 167 3.39 -12.92 13.22
CA GLN A 167 4.26 -11.85 12.73
C GLN A 167 5.57 -12.41 12.16
N HIS A 168 6.11 -13.43 12.84
CA HIS A 168 7.36 -14.10 12.47
C HIS A 168 7.23 -14.86 11.14
N GLU A 169 6.11 -15.57 10.98
CA GLU A 169 5.87 -16.36 9.78
C GLU A 169 5.65 -15.45 8.56
N LEU A 170 4.85 -14.39 8.76
CA LEU A 170 4.59 -13.42 7.72
C LEU A 170 5.89 -12.72 7.29
N ALA A 171 6.75 -12.43 8.29
CA ALA A 171 8.09 -11.89 8.03
C ALA A 171 8.91 -12.83 7.16
N GLY A 172 8.78 -14.14 7.41
CA GLY A 172 9.45 -15.17 6.62
C GLY A 172 9.01 -15.20 5.17
N LEU A 173 7.71 -14.98 4.94
CA LEU A 173 7.13 -14.91 3.61
C LEU A 173 7.60 -13.65 2.86
N VAL A 174 7.72 -12.53 3.59
CA VAL A 174 8.27 -11.29 3.05
C VAL A 174 9.70 -11.53 2.56
N ASP A 175 10.53 -12.17 3.42
CA ASP A 175 11.91 -12.52 3.11
C ASP A 175 12.06 -13.43 1.90
N GLN A 176 11.07 -14.33 1.71
CA GLN A 176 11.05 -15.23 0.55
C GLN A 176 10.58 -14.56 -0.74
N GLY A 177 10.18 -13.29 -0.64
CA GLY A 177 9.82 -12.46 -1.78
C GLY A 177 8.32 -12.27 -2.01
N ALA A 178 7.51 -12.71 -1.04
CA ALA A 178 6.06 -12.58 -1.13
C ALA A 178 5.64 -11.12 -1.12
N THR A 179 4.78 -10.76 -2.07
CA THR A 179 4.19 -9.42 -2.20
C THR A 179 2.70 -9.41 -1.87
N PHE A 180 2.12 -10.60 -1.72
CA PHE A 180 0.69 -10.81 -1.45
C PHE A 180 0.55 -12.02 -0.54
N CYS A 181 -0.27 -11.90 0.51
CA CYS A 181 -0.57 -13.02 1.38
C CYS A 181 -2.05 -13.06 1.72
N ALA A 182 -2.65 -14.24 1.54
CA ALA A 182 -4.04 -14.50 1.91
C ALA A 182 -4.06 -15.32 3.19
N MET A 183 -4.59 -14.72 4.26
CA MET A 183 -4.55 -15.29 5.61
C MET A 183 -5.94 -15.68 6.10
N GLU A 184 -6.08 -16.95 6.54
CA GLU A 184 -7.26 -17.39 7.28
C GLU A 184 -7.16 -16.81 8.67
N VAL A 185 -8.20 -16.08 9.08
CA VAL A 185 -8.27 -15.50 10.41
C VAL A 185 -9.39 -16.21 11.17
N SER A 186 -9.00 -17.06 12.13
CA SER A 186 -9.95 -17.80 12.95
C SER A 186 -10.61 -16.84 13.94
N SER A 187 -11.85 -17.18 14.33
CA SER A 187 -12.62 -16.41 15.30
C SER A 187 -11.88 -16.41 16.63
N HIS A 188 -11.38 -17.59 17.02
CA HIS A 188 -10.60 -17.80 18.23
C HIS A 188 -9.36 -16.89 18.30
N GLY A 189 -8.59 -16.85 17.21
CA GLY A 189 -7.37 -16.07 17.13
C GLY A 189 -7.61 -14.57 17.21
N LEU A 190 -8.74 -14.13 16.65
CA LEU A 190 -9.13 -12.73 16.64
C LEU A 190 -9.40 -12.24 18.07
N VAL A 191 -10.15 -13.03 18.83
CA VAL A 191 -10.50 -12.74 20.23
C VAL A 191 -9.25 -12.71 21.15
N GLN A 192 -8.22 -13.47 20.79
CA GLN A 192 -6.97 -13.56 21.53
C GLN A 192 -5.86 -12.64 21.04
N HIS A 193 -6.22 -11.64 20.21
CA HIS A 193 -5.31 -10.59 19.75
C HIS A 193 -4.09 -11.12 19.01
N ARG A 194 -4.26 -12.24 18.30
CA ARG A 194 -3.20 -12.87 17.51
C ARG A 194 -2.87 -12.11 16.23
N VAL A 195 -3.79 -11.26 15.77
CA VAL A 195 -3.60 -10.43 14.57
C VAL A 195 -3.87 -8.95 14.84
N ALA A 196 -3.85 -8.56 16.12
CA ALA A 196 -4.23 -7.22 16.57
C ALA A 196 -3.55 -6.06 15.84
N ALA A 197 -2.27 -6.23 15.47
CA ALA A 197 -1.45 -5.16 14.91
C ALA A 197 -1.12 -5.34 13.42
N LEU A 198 -1.79 -6.29 12.76
CA LEU A 198 -1.59 -6.54 11.33
C LEU A 198 -2.37 -5.52 10.51
N LYS A 199 -1.69 -4.94 9.52
CA LYS A 199 -2.31 -4.04 8.57
C LYS A 199 -2.90 -4.88 7.45
N PHE A 200 -4.20 -5.18 7.55
CA PHE A 200 -4.93 -5.88 6.50
C PHE A 200 -5.31 -4.87 5.42
N ALA A 201 -4.86 -5.12 4.19
CA ALA A 201 -5.30 -4.34 3.03
C ALA A 201 -6.80 -4.56 2.83
N ALA A 202 -7.27 -5.78 3.10
CA ALA A 202 -8.67 -6.11 3.02
C ALA A 202 -9.05 -7.24 3.97
N SER A 203 -10.33 -7.23 4.39
CA SER A 203 -10.91 -8.25 5.23
C SER A 203 -12.18 -8.78 4.53
N VAL A 204 -12.26 -10.11 4.40
CA VAL A 204 -13.36 -10.79 3.74
C VAL A 204 -14.16 -11.57 4.76
N PHE A 205 -15.48 -11.59 4.59
CA PHE A 205 -16.39 -12.37 5.41
C PHE A 205 -17.12 -13.37 4.52
N THR A 206 -16.97 -14.67 4.80
CA THR A 206 -17.61 -15.71 4.03
C THR A 206 -19.02 -16.02 4.55
N ASN A 207 -19.11 -16.46 5.80
CA ASN A 207 -20.37 -16.84 6.43
C ASN A 207 -20.29 -17.03 7.94
N LEU A 208 -21.46 -17.28 8.56
CA LEU A 208 -21.57 -17.75 9.95
C LEU A 208 -22.63 -18.84 10.08
N SER A 209 -22.32 -19.90 10.84
CA SER A 209 -23.18 -21.08 10.97
C SER A 209 -22.90 -21.84 12.27
N GLY A 217 -30.84 -11.61 23.41
CA GLY A 217 -29.99 -11.35 24.56
C GLY A 217 -28.55 -11.73 24.28
N ASP A 218 -28.35 -13.00 23.90
CA ASP A 218 -27.02 -13.56 23.60
C ASP A 218 -26.42 -12.93 22.34
N MET A 219 -27.25 -12.81 21.29
CA MET A 219 -26.86 -12.26 19.99
C MET A 219 -26.30 -10.84 20.13
N GLU A 220 -26.78 -10.10 21.14
CA GLU A 220 -26.34 -8.72 21.36
C GLU A 220 -24.92 -8.63 21.89
N HIS A 221 -24.56 -9.47 22.87
CA HIS A 221 -23.20 -9.49 23.43
C HIS A 221 -22.17 -10.02 22.44
N TYR A 222 -22.56 -11.04 21.67
CA TYR A 222 -21.70 -11.66 20.66
C TYR A 222 -21.36 -10.64 19.57
N GLU A 223 -22.39 -9.97 19.06
CA GLU A 223 -22.23 -8.91 18.07
C GLU A 223 -21.42 -7.75 18.63
N ALA A 224 -21.72 -7.35 19.88
CA ALA A 224 -21.02 -6.27 20.56
C ALA A 224 -19.52 -6.56 20.68
N ALA A 225 -19.20 -7.79 21.06
CA ALA A 225 -17.82 -8.24 21.18
C ALA A 225 -17.11 -8.16 19.82
N LYS A 226 -17.79 -8.62 18.77
CA LYS A 226 -17.23 -8.63 17.42
C LYS A 226 -17.02 -7.22 16.88
N TRP A 227 -18.02 -6.34 17.10
CA TRP A 227 -17.95 -4.95 16.67
C TRP A 227 -16.83 -4.21 17.36
N LEU A 228 -16.70 -4.43 18.68
CA LEU A 228 -15.63 -3.88 19.49
C LEU A 228 -14.27 -4.23 18.90
N LEU A 229 -14.07 -5.52 18.63
CA LEU A 229 -12.82 -6.03 18.04
C LEU A 229 -12.53 -5.39 16.69
N TYR A 230 -13.55 -5.28 15.84
CA TYR A 230 -13.45 -4.69 14.51
C TYR A 230 -12.84 -3.29 14.56
N SER A 231 -13.38 -2.45 15.45
CA SER A 231 -12.92 -1.08 15.66
C SER A 231 -11.46 -0.99 16.14
N GLU A 232 -10.95 -2.07 16.74
CA GLU A 232 -9.58 -2.15 17.24
C GLU A 232 -8.57 -2.59 16.18
N HIS A 233 -9.05 -3.15 15.07
CA HIS A 233 -8.20 -3.69 14.02
C HIS A 233 -8.16 -2.80 12.78
N HIS A 234 -7.04 -2.85 12.07
CA HIS A 234 -6.90 -2.24 10.76
C HIS A 234 -7.34 -3.29 9.73
N CYS A 235 -8.63 -3.28 9.40
CA CYS A 235 -9.25 -4.25 8.51
C CYS A 235 -9.08 -3.94 7.03
N GLY A 236 -8.78 -2.67 6.72
CA GLY A 236 -8.69 -2.17 5.35
C GLY A 236 -10.06 -2.23 4.69
N GLN A 237 -10.07 -2.61 3.40
CA GLN A 237 -11.30 -2.78 2.64
C GLN A 237 -12.12 -3.97 3.12
N ALA A 238 -13.42 -3.75 3.35
CA ALA A 238 -14.34 -4.78 3.82
C ALA A 238 -15.10 -5.39 2.64
N ILE A 239 -14.98 -6.70 2.47
CA ILE A 239 -15.69 -7.44 1.43
C ILE A 239 -16.52 -8.52 2.09
N ILE A 240 -17.84 -8.41 1.92
CA ILE A 240 -18.81 -9.18 2.71
C ILE A 240 -19.86 -9.88 1.85
N ASN A 241 -20.07 -11.16 2.15
CA ASN A 241 -21.13 -11.96 1.55
C ASN A 241 -22.49 -11.51 2.10
N ALA A 242 -23.27 -10.84 1.25
CA ALA A 242 -24.61 -10.35 1.62
C ALA A 242 -25.69 -11.43 1.59
N ASP A 243 -25.33 -12.65 1.17
CA ASP A 243 -26.23 -13.78 1.19
C ASP A 243 -26.32 -14.42 2.58
N ASP A 244 -25.34 -14.10 3.43
CA ASP A 244 -25.35 -14.51 4.83
C ASP A 244 -26.03 -13.42 5.67
N GLU A 245 -26.84 -13.87 6.65
CA GLU A 245 -27.66 -12.98 7.47
C GLU A 245 -26.84 -12.04 8.35
N VAL A 246 -25.72 -12.56 8.88
CA VAL A 246 -24.77 -11.76 9.66
C VAL A 246 -23.98 -10.84 8.73
N GLY A 247 -23.68 -11.33 7.53
CA GLY A 247 -23.11 -10.51 6.46
C GLY A 247 -23.85 -9.21 6.22
N ARG A 248 -25.19 -9.30 6.14
N ARG A 248 -25.18 -9.30 6.14
CA ARG A 248 -26.04 -8.14 5.93
CA ARG A 248 -26.05 -8.13 5.94
C ARG A 248 -26.07 -7.21 7.16
C ARG A 248 -26.07 -7.21 7.16
N ARG A 249 -25.93 -7.77 8.36
CA ARG A 249 -25.83 -6.99 9.58
C ARG A 249 -24.55 -6.16 9.58
N TRP A 250 -23.44 -6.79 9.19
CA TRP A 250 -22.18 -6.09 8.98
C TRP A 250 -22.35 -4.95 7.98
N LEU A 251 -22.96 -5.28 6.83
CA LEU A 251 -23.13 -4.35 5.72
C LEU A 251 -23.96 -3.12 6.07
N ALA A 252 -24.96 -3.33 6.93
CA ALA A 252 -25.86 -2.29 7.39
C ALA A 252 -25.11 -1.11 8.04
N LYS A 253 -24.02 -1.44 8.75
CA LYS A 253 -23.21 -0.49 9.52
C LYS A 253 -21.94 -0.02 8.83
N LEU A 254 -21.61 -0.63 7.68
CA LEU A 254 -20.37 -0.37 6.97
C LEU A 254 -20.67 0.11 5.56
N PRO A 255 -20.89 1.42 5.35
CA PRO A 255 -21.30 1.93 4.03
C PRO A 255 -20.22 1.83 2.93
N ASP A 256 -18.94 1.69 3.32
CA ASP A 256 -17.83 1.53 2.37
C ASP A 256 -17.48 0.09 2.03
N ALA A 257 -18.15 -0.88 2.67
CA ALA A 257 -17.92 -2.29 2.42
C ALA A 257 -18.48 -2.66 1.07
N VAL A 258 -17.89 -3.69 0.44
CA VAL A 258 -18.37 -4.21 -0.84
C VAL A 258 -19.29 -5.40 -0.56
N ALA A 259 -20.53 -5.29 -1.07
CA ALA A 259 -21.54 -6.31 -0.89
C ALA A 259 -21.44 -7.30 -2.04
N VAL A 260 -21.35 -8.59 -1.71
CA VAL A 260 -21.28 -9.65 -2.70
C VAL A 260 -22.45 -10.60 -2.51
N SER A 261 -23.07 -11.00 -3.62
CA SER A 261 -24.26 -11.86 -3.60
C SER A 261 -24.40 -12.70 -4.87
N MET A 262 -25.07 -13.84 -4.72
CA MET A 262 -25.52 -14.67 -5.84
C MET A 262 -26.99 -15.10 -5.68
N GLU A 263 -27.68 -14.51 -4.69
CA GLU A 263 -29.09 -14.77 -4.38
C GLU A 263 -29.90 -13.48 -4.25
N ASP A 264 -29.59 -12.48 -5.08
CA ASP A 264 -30.38 -11.26 -5.16
C ASP A 264 -30.48 -10.45 -3.85
N HIS A 265 -29.35 -10.31 -3.14
CA HIS A 265 -29.32 -9.61 -1.85
C HIS A 265 -28.63 -8.22 -1.88
N ILE A 266 -28.10 -7.81 -3.03
CA ILE A 266 -27.61 -6.45 -3.23
C ILE A 266 -28.82 -5.51 -3.20
N ASN A 267 -28.77 -4.55 -2.27
CA ASN A 267 -29.75 -3.46 -2.21
C ASN A 267 -29.11 -2.24 -2.87
N PRO A 268 -29.48 -1.92 -4.14
CA PRO A 268 -28.81 -0.85 -4.88
C PRO A 268 -29.15 0.58 -4.43
N ASN A 269 -30.21 0.74 -3.61
CA ASN A 269 -30.55 2.04 -2.98
C ASN A 269 -29.42 2.68 -2.17
N CYS A 270 -28.56 1.84 -1.57
N CYS A 270 -28.56 1.84 -1.57
CA CYS A 270 -27.46 2.30 -0.73
CA CYS A 270 -27.46 2.29 -0.72
C CYS A 270 -26.35 3.02 -1.50
C CYS A 270 -26.35 3.02 -1.50
N HIS A 271 -26.29 2.76 -2.82
CA HIS A 271 -25.28 3.37 -3.73
C HIS A 271 -23.84 2.98 -3.42
N GLY A 272 -23.66 1.86 -2.71
CA GLY A 272 -22.35 1.35 -2.34
C GLY A 272 -21.77 0.50 -3.46
N ARG A 273 -20.58 -0.04 -3.23
CA ARG A 273 -19.93 -0.95 -4.16
C ARG A 273 -20.53 -2.34 -3.99
N TRP A 274 -20.58 -3.09 -5.09
CA TRP A 274 -21.23 -4.38 -5.12
C TRP A 274 -20.77 -5.26 -6.25
N LEU A 275 -21.08 -6.56 -6.12
CA LEU A 275 -20.83 -7.57 -7.12
C LEU A 275 -21.86 -8.69 -6.90
N LYS A 276 -22.63 -9.00 -7.95
CA LYS A 276 -23.62 -10.06 -7.88
C LYS A 276 -23.60 -10.93 -9.12
N ALA A 277 -23.67 -12.25 -8.91
CA ALA A 277 -23.90 -13.20 -9.97
C ALA A 277 -25.35 -13.03 -10.40
N THR A 278 -25.56 -12.79 -11.69
CA THR A 278 -26.89 -12.63 -12.26
C THR A 278 -27.47 -14.00 -12.60
N GLU A 279 -26.76 -14.76 -13.44
CA GLU A 279 -27.09 -16.16 -13.68
C GLU A 279 -25.83 -17.01 -13.56
N VAL A 280 -26.04 -18.25 -13.12
CA VAL A 280 -25.00 -19.25 -13.00
C VAL A 280 -25.49 -20.53 -13.66
N ASN A 281 -24.68 -21.08 -14.57
CA ASN A 281 -24.94 -22.39 -15.16
C ASN A 281 -23.93 -23.41 -14.65
N TYR A 282 -24.39 -24.30 -13.78
CA TYR A 282 -23.56 -25.40 -13.29
C TYR A 282 -23.60 -26.49 -14.34
N HIS A 283 -22.42 -26.80 -14.91
CA HIS A 283 -22.28 -27.78 -15.99
C HIS A 283 -21.22 -28.82 -15.61
N ASP A 284 -20.99 -29.77 -16.53
CA ASP A 284 -20.27 -30.99 -16.24
C ASP A 284 -18.79 -30.81 -15.93
N SER A 285 -18.23 -29.63 -16.20
CA SER A 285 -16.80 -29.35 -15.94
C SER A 285 -16.55 -28.11 -15.09
N GLY A 286 -17.61 -27.52 -14.54
CA GLY A 286 -17.52 -26.34 -13.70
C GLY A 286 -18.77 -25.48 -13.75
N ALA A 287 -18.59 -24.17 -13.58
CA ALA A 287 -19.68 -23.20 -13.54
C ALA A 287 -19.38 -22.00 -14.43
N THR A 288 -20.39 -21.59 -15.22
CA THR A 288 -20.31 -20.36 -16.00
C THR A 288 -21.07 -19.31 -15.22
N ILE A 289 -20.34 -18.27 -14.79
CA ILE A 289 -20.83 -17.24 -13.89
C ILE A 289 -20.94 -15.93 -14.62
N ARG A 290 -22.18 -15.49 -14.89
CA ARG A 290 -22.46 -14.14 -15.39
C ARG A 290 -22.73 -13.25 -14.20
N PHE A 291 -22.07 -12.08 -14.18
CA PHE A 291 -22.13 -11.18 -13.04
C PHE A 291 -22.06 -9.72 -13.47
N SER A 292 -22.64 -8.85 -12.65
N SER A 292 -22.64 -8.85 -12.65
CA SER A 292 -22.50 -7.40 -12.77
CA SER A 292 -22.50 -7.40 -12.77
C SER A 292 -21.83 -6.89 -11.51
C SER A 292 -21.84 -6.88 -11.50
N SER A 293 -21.18 -5.73 -11.61
CA SER A 293 -20.56 -5.07 -10.47
C SER A 293 -20.48 -3.58 -10.73
N SER A 294 -20.14 -2.82 -9.67
CA SER A 294 -19.89 -1.40 -9.80
C SER A 294 -18.59 -1.12 -10.57
N TRP A 295 -17.78 -2.17 -10.75
CA TRP A 295 -16.58 -2.12 -11.61
C TRP A 295 -16.86 -2.52 -13.06
N GLY A 296 -18.09 -2.96 -13.34
CA GLY A 296 -18.48 -3.45 -14.65
C GLY A 296 -18.90 -4.91 -14.62
N ASP A 297 -19.44 -5.37 -15.75
CA ASP A 297 -20.02 -6.70 -15.88
C ASP A 297 -19.08 -7.62 -16.62
N GLY A 298 -19.37 -8.91 -16.59
CA GLY A 298 -18.50 -9.91 -17.20
C GLY A 298 -19.04 -11.32 -17.06
N GLU A 299 -18.27 -12.28 -17.60
CA GLU A 299 -18.60 -13.69 -17.53
C GLU A 299 -17.34 -14.48 -17.22
N ILE A 300 -17.40 -15.29 -16.15
CA ILE A 300 -16.29 -16.14 -15.73
C ILE A 300 -16.63 -17.61 -15.93
N GLU A 301 -15.65 -18.36 -16.43
CA GLU A 301 -15.71 -19.80 -16.56
C GLU A 301 -14.87 -20.40 -15.42
N SER A 302 -15.55 -20.77 -14.32
CA SER A 302 -14.91 -21.36 -13.16
C SER A 302 -14.83 -22.86 -13.31
N HIS A 303 -13.68 -23.43 -12.95
CA HIS A 303 -13.45 -24.87 -12.95
C HIS A 303 -13.66 -25.48 -11.55
N LEU A 304 -14.41 -24.76 -10.71
CA LEU A 304 -14.78 -25.20 -9.36
C LEU A 304 -16.26 -25.59 -9.33
N MET A 305 -16.62 -26.46 -8.39
CA MET A 305 -17.93 -27.08 -8.34
C MET A 305 -18.72 -26.63 -7.11
N GLY A 306 -20.04 -26.47 -7.29
CA GLY A 306 -20.98 -26.19 -6.23
C GLY A 306 -21.22 -24.70 -6.08
N ALA A 307 -22.33 -24.36 -5.40
CA ALA A 307 -22.71 -22.97 -5.18
C ALA A 307 -21.77 -22.26 -4.20
N PHE A 308 -21.36 -22.96 -3.14
CA PHE A 308 -20.48 -22.41 -2.11
C PHE A 308 -19.20 -21.86 -2.75
N ASN A 309 -18.67 -22.58 -3.75
CA ASN A 309 -17.44 -22.20 -4.44
C ASN A 309 -17.60 -21.06 -5.47
N VAL A 310 -18.81 -20.85 -5.97
CA VAL A 310 -19.13 -19.66 -6.75
C VAL A 310 -19.00 -18.45 -5.81
N SER A 311 -19.67 -18.54 -4.65
CA SER A 311 -19.63 -17.52 -3.61
C SER A 311 -18.19 -17.14 -3.26
N ASN A 312 -17.36 -18.15 -2.98
CA ASN A 312 -15.95 -17.95 -2.65
C ASN A 312 -15.17 -17.23 -3.74
N LEU A 313 -15.46 -17.59 -5.01
N LEU A 313 -15.46 -17.59 -5.01
CA LEU A 313 -14.82 -17.00 -6.17
CA LEU A 313 -14.82 -17.00 -6.17
C LEU A 313 -15.23 -15.55 -6.36
C LEU A 313 -15.23 -15.55 -6.36
N LEU A 314 -16.53 -15.27 -6.16
CA LEU A 314 -17.06 -13.91 -6.25
C LEU A 314 -16.50 -12.99 -5.14
N LEU A 315 -16.32 -13.56 -3.95
CA LEU A 315 -15.70 -12.84 -2.85
C LEU A 315 -14.26 -12.45 -3.18
N ALA A 316 -13.51 -13.40 -3.73
CA ALA A 316 -12.12 -13.18 -4.13
C ALA A 316 -12.02 -12.12 -5.22
N LEU A 317 -12.93 -12.20 -6.20
CA LEU A 317 -13.04 -11.22 -7.29
C LEU A 317 -13.30 -9.80 -6.78
N ALA A 318 -14.38 -9.66 -6.00
CA ALA A 318 -14.77 -8.40 -5.38
C ALA A 318 -13.61 -7.79 -4.60
N THR A 319 -12.91 -8.65 -3.85
CA THR A 319 -11.76 -8.26 -3.04
C THR A 319 -10.63 -7.68 -3.89
N LEU A 320 -10.27 -8.39 -4.96
CA LEU A 320 -9.20 -7.95 -5.83
C LEU A 320 -9.58 -6.70 -6.62
N LEU A 321 -10.85 -6.61 -7.03
CA LEU A 321 -11.38 -5.41 -7.67
C LEU A 321 -11.25 -4.21 -6.73
N ALA A 322 -11.66 -4.41 -5.47
CA ALA A 322 -11.62 -3.37 -4.43
C ALA A 322 -10.20 -2.85 -4.19
N LEU A 323 -9.22 -3.75 -4.29
CA LEU A 323 -7.81 -3.42 -4.08
C LEU A 323 -7.17 -2.77 -5.30
N GLY A 324 -7.90 -2.71 -6.42
CA GLY A 324 -7.47 -2.01 -7.61
C GLY A 324 -6.86 -2.85 -8.72
N TYR A 325 -7.06 -4.18 -8.67
CA TYR A 325 -6.68 -5.05 -9.78
C TYR A 325 -7.73 -4.85 -10.87
N PRO A 326 -7.33 -4.60 -12.15
CA PRO A 326 -8.29 -4.31 -13.21
C PRO A 326 -9.20 -5.51 -13.57
N LEU A 327 -10.49 -5.23 -13.71
CA LEU A 327 -11.51 -6.21 -14.11
C LEU A 327 -11.06 -7.05 -15.31
N ALA A 328 -10.56 -6.39 -16.35
CA ALA A 328 -10.16 -7.05 -17.59
C ALA A 328 -9.06 -8.08 -17.39
N ASP A 329 -8.14 -7.78 -16.46
CA ASP A 329 -7.03 -8.68 -16.14
C ASP A 329 -7.52 -9.88 -15.34
N LEU A 330 -8.41 -9.64 -14.38
CA LEU A 330 -9.00 -10.69 -13.56
C LEU A 330 -9.83 -11.66 -14.43
N LEU A 331 -10.59 -11.10 -15.38
CA LEU A 331 -11.37 -11.90 -16.33
C LEU A 331 -10.47 -12.78 -17.22
N LYS A 332 -9.37 -12.20 -17.70
CA LYS A 332 -8.41 -12.90 -18.57
C LYS A 332 -7.78 -14.12 -17.91
N THR A 333 -7.73 -14.13 -16.57
CA THR A 333 -7.00 -15.14 -15.80
C THR A 333 -7.91 -16.06 -14.96
N ALA A 334 -9.23 -15.84 -15.01
CA ALA A 334 -10.19 -16.56 -14.17
C ALA A 334 -10.25 -18.07 -14.45
N ALA A 335 -10.10 -18.45 -15.72
CA ALA A 335 -10.17 -19.85 -16.15
C ALA A 335 -9.02 -20.68 -15.60
N ARG A 336 -7.93 -20.02 -15.22
CA ARG A 336 -6.74 -20.70 -14.72
C ARG A 336 -6.78 -20.96 -13.21
N LEU A 337 -7.82 -20.48 -12.54
CA LEU A 337 -8.05 -20.75 -11.13
C LEU A 337 -8.43 -22.22 -10.95
N GLN A 338 -7.65 -22.92 -10.11
CA GLN A 338 -7.87 -24.33 -9.82
C GLN A 338 -8.57 -24.48 -8.47
N PRO A 339 -9.16 -25.66 -8.17
CA PRO A 339 -9.68 -25.95 -6.84
C PRO A 339 -8.56 -26.39 -5.92
N VAL A 340 -8.84 -26.36 -4.61
CA VAL A 340 -7.94 -26.95 -3.62
C VAL A 340 -7.91 -28.45 -3.93
N CYS A 341 -6.69 -29.02 -3.98
CA CYS A 341 -6.49 -30.42 -4.37
C CYS A 341 -7.41 -31.34 -3.55
N GLY A 342 -8.22 -32.14 -4.26
CA GLY A 342 -9.13 -33.09 -3.64
C GLY A 342 -10.26 -32.43 -2.87
N ARG A 343 -10.61 -31.19 -3.23
CA ARG A 343 -11.80 -30.51 -2.72
C ARG A 343 -12.70 -30.17 -3.88
N MET A 344 -13.78 -30.94 -4.01
CA MET A 344 -14.69 -30.94 -5.17
C MET A 344 -13.92 -30.77 -6.47
N GLU A 345 -12.88 -31.60 -6.64
CA GLU A 345 -11.99 -31.53 -7.79
C GLU A 345 -12.53 -32.34 -8.95
N VAL A 346 -12.94 -31.65 -10.01
CA VAL A 346 -13.59 -32.27 -11.14
C VAL A 346 -12.58 -32.87 -12.11
N PHE A 347 -12.92 -34.05 -12.62
CA PHE A 347 -12.22 -34.71 -13.71
C PHE A 347 -13.21 -35.02 -14.80
N THR A 348 -13.00 -34.43 -15.98
CA THR A 348 -13.82 -34.66 -17.14
C THR A 348 -12.92 -35.18 -18.24
N ALA A 349 -13.52 -35.94 -19.14
CA ALA A 349 -12.87 -36.38 -20.34
C ALA A 349 -13.93 -36.45 -21.42
N PRO A 350 -13.56 -36.19 -22.70
CA PRO A 350 -14.51 -36.29 -23.81
C PRO A 350 -15.29 -37.60 -23.77
N GLY A 351 -16.62 -37.49 -23.73
CA GLY A 351 -17.53 -38.62 -23.89
C GLY A 351 -17.67 -39.54 -22.70
N LYS A 352 -17.07 -39.17 -21.57
CA LYS A 352 -17.12 -39.97 -20.35
C LYS A 352 -17.87 -39.22 -19.25
N PRO A 353 -18.29 -39.90 -18.17
CA PRO A 353 -18.95 -39.22 -17.05
C PRO A 353 -18.01 -38.25 -16.33
N THR A 354 -18.59 -37.21 -15.72
CA THR A 354 -17.87 -36.30 -14.85
C THR A 354 -17.59 -37.02 -13.53
N VAL A 355 -16.35 -36.93 -13.06
CA VAL A 355 -15.94 -37.50 -11.78
C VAL A 355 -15.40 -36.40 -10.87
N VAL A 356 -15.96 -36.31 -9.65
CA VAL A 356 -15.52 -35.37 -8.64
C VAL A 356 -14.88 -36.15 -7.51
N VAL A 357 -13.62 -35.80 -7.19
CA VAL A 357 -12.92 -36.33 -6.04
C VAL A 357 -13.00 -35.30 -4.91
N ASP A 358 -13.53 -35.73 -3.76
CA ASP A 358 -13.65 -34.89 -2.57
C ASP A 358 -13.27 -35.68 -1.33
N TYR A 359 -12.69 -34.99 -0.34
CA TYR A 359 -12.21 -35.64 0.87
C TYR A 359 -13.31 -35.90 1.90
N ALA A 360 -14.52 -35.41 1.62
CA ALA A 360 -15.70 -35.61 2.47
C ALA A 360 -15.73 -37.00 3.14
N HIS A 361 -15.49 -37.01 4.45
CA HIS A 361 -15.48 -38.25 5.25
C HIS A 361 -16.32 -38.15 6.54
N THR A 362 -17.29 -37.24 6.55
CA THR A 362 -18.28 -37.13 7.63
C THR A 362 -19.65 -36.95 7.01
N PRO A 363 -20.76 -37.24 7.75
CA PRO A 363 -22.11 -37.12 7.19
C PRO A 363 -22.41 -35.75 6.59
N ASP A 364 -22.14 -34.68 7.34
CA ASP A 364 -22.37 -33.31 6.89
C ASP A 364 -21.59 -32.98 5.62
N ALA A 365 -20.29 -33.32 5.62
CA ALA A 365 -19.43 -33.07 4.45
C ALA A 365 -19.89 -33.84 3.20
N LEU A 366 -20.30 -35.10 3.40
CA LEU A 366 -20.80 -35.94 2.31
C LEU A 366 -22.06 -35.34 1.72
N GLU A 367 -22.99 -34.93 2.59
CA GLU A 367 -24.22 -34.28 2.16
C GLU A 367 -23.95 -33.03 1.33
N LYS A 368 -23.05 -32.17 1.81
CA LYS A 368 -22.65 -30.95 1.12
C LYS A 368 -22.11 -31.28 -0.27
N ALA A 369 -21.17 -32.24 -0.33
CA ALA A 369 -20.51 -32.64 -1.56
C ALA A 369 -21.50 -33.17 -2.61
N LEU A 370 -22.47 -33.97 -2.17
CA LEU A 370 -23.51 -34.54 -3.04
C LEU A 370 -24.46 -33.46 -3.57
N GLN A 371 -24.89 -32.56 -2.67
CA GLN A 371 -25.73 -31.41 -3.02
C GLN A 371 -25.02 -30.48 -4.01
N ALA A 372 -23.71 -30.27 -3.78
CA ALA A 372 -22.86 -29.51 -4.68
C ALA A 372 -22.77 -30.21 -6.04
N ALA A 373 -22.44 -31.50 -6.02
CA ALA A 373 -22.30 -32.31 -7.23
C ALA A 373 -23.58 -32.35 -8.06
N ARG A 374 -24.73 -32.43 -7.37
CA ARG A 374 -26.04 -32.53 -8.01
C ARG A 374 -26.31 -31.41 -9.01
N LEU A 375 -25.85 -30.19 -8.68
CA LEU A 375 -26.06 -28.99 -9.49
C LEU A 375 -25.45 -29.15 -10.89
N HIS A 376 -24.36 -29.91 -10.98
CA HIS A 376 -23.65 -30.16 -12.23
C HIS A 376 -24.10 -31.45 -12.95
N CYS A 377 -25.11 -32.13 -12.40
CA CYS A 377 -25.48 -33.46 -12.84
C CYS A 377 -26.81 -33.49 -13.58
N ALA A 378 -26.74 -33.71 -14.90
CA ALA A 378 -27.91 -33.83 -15.77
C ALA A 378 -28.53 -35.22 -15.66
N GLY A 379 -27.68 -36.25 -15.52
CA GLY A 379 -28.10 -37.63 -15.42
C GLY A 379 -28.21 -38.07 -13.98
N LYS A 380 -27.59 -39.23 -13.68
CA LYS A 380 -27.58 -39.84 -12.36
C LYS A 380 -26.33 -39.44 -11.57
N LEU A 381 -26.53 -39.19 -10.26
CA LEU A 381 -25.44 -38.92 -9.32
C LEU A 381 -25.05 -40.22 -8.61
N TRP A 382 -23.80 -40.62 -8.79
CA TRP A 382 -23.21 -41.78 -8.12
C TRP A 382 -22.32 -41.33 -6.96
N CYS A 383 -22.38 -42.06 -5.85
CA CYS A 383 -21.55 -41.80 -4.68
C CYS A 383 -20.75 -43.05 -4.34
N VAL A 384 -19.42 -42.97 -4.53
CA VAL A 384 -18.49 -44.02 -4.14
C VAL A 384 -17.78 -43.59 -2.86
N PHE A 385 -17.97 -44.38 -1.79
CA PHE A 385 -17.40 -44.06 -0.48
C PHE A 385 -17.30 -45.28 0.41
N GLY A 386 -16.56 -45.11 1.51
CA GLY A 386 -16.41 -46.07 2.57
C GLY A 386 -16.21 -45.32 3.87
N CYS A 387 -15.91 -46.06 4.95
CA CYS A 387 -15.58 -45.48 6.24
C CYS A 387 -14.34 -46.13 6.82
N GLY A 388 -13.59 -45.35 7.61
CA GLY A 388 -12.36 -45.78 8.24
C GLY A 388 -12.60 -46.87 9.26
N GLY A 389 -11.70 -47.86 9.29
CA GLY A 389 -11.74 -48.92 10.27
C GLY A 389 -10.96 -48.56 11.51
N ASP A 390 -11.29 -49.22 12.63
CA ASP A 390 -10.67 -48.98 13.94
C ASP A 390 -10.84 -47.52 14.41
N ARG A 391 -11.99 -46.93 14.07
CA ARG A 391 -12.36 -45.58 14.41
C ARG A 391 -13.85 -45.55 14.76
N ASP A 392 -14.29 -44.42 15.32
CA ASP A 392 -15.69 -44.22 15.73
C ASP A 392 -16.64 -44.75 14.65
N LYS A 393 -17.51 -45.67 15.06
CA LYS A 393 -18.42 -46.38 14.17
C LYS A 393 -19.75 -45.66 13.99
N GLY A 394 -19.99 -44.62 14.78
CA GLY A 394 -21.25 -43.90 14.81
C GLY A 394 -21.69 -43.30 13.49
N LYS A 395 -20.72 -42.79 12.73
CA LYS A 395 -20.99 -42.09 11.47
C LYS A 395 -21.43 -43.01 10.32
N ARG A 396 -21.04 -44.28 10.42
CA ARG A 396 -21.21 -45.24 9.34
C ARG A 396 -22.64 -45.31 8.80
N PRO A 397 -23.67 -45.59 9.63
CA PRO A 397 -25.05 -45.61 9.15
C PRO A 397 -25.58 -44.24 8.74
N LEU A 398 -25.04 -43.17 9.33
CA LEU A 398 -25.42 -41.80 8.99
C LEU A 398 -24.96 -41.45 7.57
N MET A 399 -23.71 -41.84 7.24
CA MET A 399 -23.15 -41.64 5.91
C MET A 399 -23.85 -42.52 4.86
N GLY A 400 -24.24 -43.73 5.26
CA GLY A 400 -25.06 -44.61 4.44
C GLY A 400 -26.38 -43.95 4.10
N ALA A 401 -27.05 -43.40 5.11
CA ALA A 401 -28.35 -42.72 4.95
C ALA A 401 -28.26 -41.56 3.97
N ILE A 402 -27.22 -40.72 4.15
CA ILE A 402 -26.97 -39.56 3.31
C ILE A 402 -26.68 -39.97 1.87
N ALA A 403 -25.84 -40.98 1.69
CA ALA A 403 -25.54 -41.51 0.36
C ALA A 403 -26.80 -41.97 -0.37
N GLU A 404 -27.69 -42.64 0.37
CA GLU A 404 -28.95 -43.15 -0.19
C GLU A 404 -29.86 -42.01 -0.63
N GLU A 405 -30.01 -40.99 0.23
CA GLU A 405 -30.94 -39.89 0.00
C GLU A 405 -30.50 -38.91 -1.08
N PHE A 406 -29.23 -38.49 -1.02
CA PHE A 406 -28.73 -37.39 -1.85
C PHE A 406 -27.96 -37.83 -3.10
N ALA A 407 -27.84 -39.15 -3.28
CA ALA A 407 -27.31 -39.73 -4.51
C ALA A 407 -28.32 -40.72 -5.06
N ASP A 408 -28.23 -40.97 -6.37
CA ASP A 408 -29.10 -41.91 -7.06
C ASP A 408 -28.58 -43.33 -6.90
N VAL A 409 -27.25 -43.49 -6.98
CA VAL A 409 -26.59 -44.78 -6.81
C VAL A 409 -25.47 -44.67 -5.79
N ALA A 410 -25.53 -45.51 -4.75
CA ALA A 410 -24.54 -45.56 -3.69
C ALA A 410 -23.67 -46.78 -3.86
N VAL A 411 -22.38 -46.57 -4.11
CA VAL A 411 -21.41 -47.63 -4.26
C VAL A 411 -20.53 -47.67 -3.00
N VAL A 412 -20.88 -48.57 -2.06
CA VAL A 412 -20.20 -48.67 -0.78
C VAL A 412 -18.98 -49.59 -0.94
N THR A 413 -17.82 -49.09 -0.50
CA THR A 413 -16.55 -49.77 -0.67
C THR A 413 -15.67 -49.55 0.56
N ASP A 414 -14.37 -49.84 0.42
CA ASP A 414 -13.40 -49.70 1.52
C ASP A 414 -12.74 -48.33 1.50
N ASP A 415 -12.37 -47.86 2.70
CA ASP A 415 -11.66 -46.60 2.91
C ASP A 415 -10.86 -46.70 4.19
N ASN A 416 -9.61 -47.18 4.08
CA ASN A 416 -8.72 -47.42 5.22
C ASN A 416 -9.35 -48.34 6.24
N PRO A 417 -9.58 -49.63 5.92
CA PRO A 417 -10.19 -50.56 6.86
C PRO A 417 -9.31 -50.93 8.05
N ARG A 418 -7.98 -50.75 7.91
CA ARG A 418 -6.99 -51.07 8.94
C ARG A 418 -7.12 -52.54 9.36
N THR A 419 -7.16 -52.81 10.68
CA THR A 419 -7.24 -54.19 11.20
C THR A 419 -8.67 -54.76 11.17
N GLU A 420 -9.67 -53.86 11.13
CA GLU A 420 -11.09 -54.22 11.15
C GLU A 420 -11.53 -54.93 9.86
N GLU A 421 -12.41 -55.92 10.01
CA GLU A 421 -12.94 -56.69 8.89
C GLU A 421 -13.63 -55.71 7.94
N PRO A 422 -13.14 -55.57 6.69
CA PRO A 422 -13.70 -54.56 5.77
C PRO A 422 -15.22 -54.65 5.58
N ARG A 423 -15.72 -55.87 5.38
CA ARG A 423 -17.15 -56.11 5.15
C ARG A 423 -17.99 -55.73 6.37
N ALA A 424 -17.41 -55.86 7.57
CA ALA A 424 -18.06 -55.43 8.81
C ALA A 424 -18.38 -53.94 8.80
N ILE A 425 -17.45 -53.15 8.25
CA ILE A 425 -17.59 -51.69 8.16
C ILE A 425 -18.71 -51.37 7.18
N ILE A 426 -18.70 -52.05 6.03
CA ILE A 426 -19.72 -51.91 5.00
C ILE A 426 -21.10 -52.23 5.54
N ASN A 427 -21.22 -53.33 6.30
CA ASN A 427 -22.47 -53.73 6.93
C ASN A 427 -23.02 -52.63 7.85
N ASP A 428 -22.12 -52.01 8.64
CA ASP A 428 -22.47 -50.88 9.50
C ASP A 428 -23.02 -49.70 8.68
N ILE A 429 -22.44 -49.47 7.50
CA ILE A 429 -22.88 -48.42 6.60
C ILE A 429 -24.27 -48.74 6.08
N LEU A 430 -24.42 -49.95 5.52
CA LEU A 430 -25.70 -50.43 4.98
C LEU A 430 -26.85 -50.40 6.00
N ALA A 431 -26.52 -50.70 7.26
CA ALA A 431 -27.50 -50.69 8.36
C ALA A 431 -28.29 -49.38 8.38
N GLY A 432 -27.61 -48.28 8.06
CA GLY A 432 -28.19 -46.95 8.02
C GLY A 432 -29.20 -46.67 6.92
N MET A 433 -29.23 -47.54 5.89
CA MET A 433 -30.07 -47.34 4.72
C MET A 433 -31.45 -47.96 4.88
N LEU A 434 -32.44 -47.31 4.24
CA LEU A 434 -33.81 -47.79 4.18
C LEU A 434 -33.90 -48.96 3.21
N ASP A 435 -33.09 -48.92 2.15
CA ASP A 435 -33.05 -49.95 1.12
C ASP A 435 -31.62 -50.30 0.75
N ALA A 436 -30.95 -51.02 1.65
CA ALA A 436 -29.58 -51.46 1.44
C ALA A 436 -29.40 -52.25 0.15
N GLY A 437 -30.42 -53.05 -0.20
CA GLY A 437 -30.42 -53.89 -1.39
C GLY A 437 -30.19 -53.16 -2.70
N HIS A 438 -30.63 -51.89 -2.75
CA HIS A 438 -30.45 -51.02 -3.92
C HIS A 438 -29.06 -50.33 -3.96
N ALA A 439 -28.32 -50.44 -2.85
CA ALA A 439 -26.91 -50.03 -2.81
C ALA A 439 -26.05 -51.09 -3.47
N LYS A 440 -25.04 -50.64 -4.22
CA LYS A 440 -24.02 -51.51 -4.80
C LYS A 440 -22.89 -51.59 -3.79
N VAL A 441 -22.40 -52.81 -3.57
CA VAL A 441 -21.27 -53.06 -2.70
C VAL A 441 -20.15 -53.65 -3.54
N MET A 442 -18.94 -53.11 -3.35
CA MET A 442 -17.76 -53.61 -4.03
C MET A 442 -16.50 -53.30 -3.25
N GLU A 443 -15.89 -54.36 -2.70
CA GLU A 443 -14.65 -54.23 -1.96
C GLU A 443 -13.51 -54.29 -2.95
N GLY A 444 -12.43 -53.60 -2.59
CA GLY A 444 -11.44 -53.12 -3.52
C GLY A 444 -11.96 -51.75 -3.92
N ARG A 445 -11.38 -50.70 -3.32
CA ARG A 445 -11.76 -49.33 -3.61
C ARG A 445 -11.56 -49.04 -5.09
N ALA A 446 -10.36 -49.38 -5.58
CA ALA A 446 -10.01 -49.25 -7.00
C ALA A 446 -11.08 -49.84 -7.93
N GLU A 447 -11.52 -51.06 -7.60
CA GLU A 447 -12.51 -51.78 -8.37
C GLU A 447 -13.86 -51.05 -8.32
N ALA A 448 -14.21 -50.54 -7.13
CA ALA A 448 -15.48 -49.85 -6.90
C ALA A 448 -15.55 -48.52 -7.65
N VAL A 449 -14.45 -47.77 -7.63
CA VAL A 449 -14.33 -46.56 -8.41
C VAL A 449 -14.45 -46.90 -9.89
N THR A 450 -13.69 -47.92 -10.32
CA THR A 450 -13.73 -48.41 -11.68
C THR A 450 -15.17 -48.79 -12.08
N CYS A 451 -15.88 -49.45 -11.15
CA CYS A 451 -17.26 -49.87 -11.36
C CYS A 451 -18.24 -48.70 -11.62
N ALA A 452 -18.09 -47.63 -10.82
CA ALA A 452 -18.95 -46.45 -10.94
C ALA A 452 -18.66 -45.73 -12.24
N VAL A 453 -17.37 -45.47 -12.50
CA VAL A 453 -16.94 -44.70 -13.66
C VAL A 453 -17.26 -45.41 -14.98
N MET A 454 -17.10 -46.74 -15.01
CA MET A 454 -17.31 -47.53 -16.22
C MET A 454 -18.79 -47.69 -16.58
N GLN A 455 -19.65 -47.81 -15.56
CA GLN A 455 -21.09 -48.01 -15.74
C GLN A 455 -21.85 -46.72 -15.90
N ALA A 456 -21.32 -45.63 -15.34
CA ALA A 456 -21.98 -44.33 -15.39
C ALA A 456 -22.13 -43.87 -16.83
N LYS A 457 -23.25 -43.18 -17.12
CA LYS A 457 -23.50 -42.60 -18.43
C LYS A 457 -22.70 -41.30 -18.61
N GLU A 458 -22.70 -40.79 -19.85
CA GLU A 458 -21.92 -39.62 -20.23
C GLU A 458 -22.28 -38.36 -19.46
N ASN A 459 -23.58 -38.20 -19.17
CA ASN A 459 -24.10 -37.04 -18.45
C ASN A 459 -24.38 -37.32 -16.96
N ASP A 460 -23.80 -38.40 -16.44
CA ASP A 460 -23.85 -38.73 -15.01
C ASP A 460 -22.68 -38.06 -14.32
N VAL A 461 -22.74 -38.02 -12.98
CA VAL A 461 -21.65 -37.51 -12.15
C VAL A 461 -21.36 -38.56 -11.09
N VAL A 462 -20.08 -38.88 -10.93
CA VAL A 462 -19.62 -39.81 -9.91
C VAL A 462 -18.81 -39.03 -8.89
N LEU A 463 -19.34 -38.94 -7.66
CA LEU A 463 -18.61 -38.40 -6.53
C LEU A 463 -17.86 -39.57 -5.88
N VAL A 464 -16.52 -39.47 -5.88
CA VAL A 464 -15.63 -40.38 -5.15
C VAL A 464 -15.18 -39.65 -3.87
N ALA A 465 -15.83 -39.99 -2.75
CA ALA A 465 -15.68 -39.28 -1.47
C ALA A 465 -14.77 -40.02 -0.50
N GLY A 466 -14.13 -39.25 0.40
CA GLY A 466 -13.46 -39.81 1.57
C GLY A 466 -11.97 -39.58 1.69
N LYS A 467 -11.26 -39.54 0.55
CA LYS A 467 -9.80 -39.44 0.53
C LYS A 467 -9.29 -38.10 0.02
N GLY A 468 -9.87 -37.61 -1.08
CA GLY A 468 -9.44 -36.38 -1.70
C GLY A 468 -8.00 -36.45 -2.18
N HIS A 469 -7.13 -35.69 -1.51
CA HIS A 469 -5.73 -35.54 -1.88
C HIS A 469 -4.84 -36.67 -1.36
N GLU A 470 -5.33 -37.42 -0.36
CA GLU A 470 -4.57 -38.51 0.26
C GLU A 470 -4.20 -39.56 -0.78
N ASP A 471 -2.98 -40.09 -0.68
CA ASP A 471 -2.41 -40.97 -1.69
C ASP A 471 -2.08 -42.36 -1.13
N TYR A 472 -2.97 -42.87 -0.26
CA TYR A 472 -2.78 -44.17 0.39
C TYR A 472 -4.09 -44.83 0.85
N GLN A 473 -4.08 -46.18 0.87
CA GLN A 473 -5.13 -46.98 1.47
C GLN A 473 -4.47 -47.84 2.54
N ILE A 474 -4.89 -47.67 3.80
CA ILE A 474 -4.34 -48.41 4.93
C ILE A 474 -5.09 -49.72 5.09
N VAL A 475 -4.49 -50.82 4.60
CA VAL A 475 -5.04 -52.17 4.74
C VAL A 475 -4.16 -52.96 5.72
N GLY A 476 -4.75 -53.33 6.86
CA GLY A 476 -4.03 -53.98 7.95
C GLY A 476 -3.19 -52.94 8.67
N ASN A 477 -1.88 -53.16 8.65
CA ASN A 477 -0.90 -52.19 9.14
C ASN A 477 -0.18 -51.46 7.99
N GLN A 478 -0.21 -52.06 6.79
CA GLN A 478 0.39 -51.49 5.58
C GLN A 478 -0.30 -50.19 5.15
N ARG A 479 0.50 -49.27 4.60
CA ARG A 479 0.02 -48.05 3.97
C ARG A 479 0.27 -48.20 2.47
N LEU A 480 -0.65 -48.90 1.79
CA LEU A 480 -0.53 -49.21 0.37
C LEU A 480 -0.65 -47.95 -0.48
N ASP A 481 0.06 -47.93 -1.61
CA ASP A 481 0.04 -46.81 -2.54
C ASP A 481 -1.22 -46.87 -3.39
N TYR A 482 -2.11 -45.90 -3.17
CA TYR A 482 -3.37 -45.79 -3.86
C TYR A 482 -3.86 -44.34 -3.81
N SER A 483 -4.37 -43.86 -4.94
CA SER A 483 -4.95 -42.53 -5.04
C SER A 483 -6.23 -42.58 -5.86
N ASP A 484 -7.32 -42.03 -5.29
CA ASP A 484 -8.57 -41.80 -6.02
C ASP A 484 -8.29 -40.96 -7.27
N ARG A 485 -7.50 -39.90 -7.11
CA ARG A 485 -7.21 -38.95 -8.19
C ARG A 485 -6.53 -39.65 -9.38
N VAL A 486 -5.55 -40.49 -9.08
CA VAL A 486 -4.79 -41.22 -10.10
C VAL A 486 -5.66 -42.30 -10.76
N THR A 487 -6.47 -43.00 -9.96
CA THR A 487 -7.35 -44.06 -10.45
C THR A 487 -8.38 -43.48 -11.44
N VAL A 488 -9.07 -42.44 -10.98
CA VAL A 488 -10.04 -41.71 -11.78
C VAL A 488 -9.37 -41.22 -13.08
N ALA A 489 -8.18 -40.62 -12.95
CA ALA A 489 -7.46 -40.03 -14.08
C ALA A 489 -7.12 -41.04 -15.17
N ARG A 490 -6.66 -42.24 -14.76
CA ARG A 490 -6.32 -43.32 -15.70
C ARG A 490 -7.55 -43.86 -16.43
N LEU A 491 -8.66 -44.01 -15.71
CA LEU A 491 -9.91 -44.50 -16.29
C LEU A 491 -10.44 -43.53 -17.34
N LEU A 492 -10.37 -42.23 -17.02
CA LEU A 492 -10.85 -41.18 -17.93
C LEU A 492 -9.86 -40.84 -19.07
N GLY A 493 -8.61 -41.32 -18.95
CA GLY A 493 -7.58 -41.09 -19.94
C GLY A 493 -7.02 -39.69 -19.88
N VAL A 494 -6.72 -39.23 -18.66
CA VAL A 494 -6.14 -37.92 -18.39
C VAL A 494 -5.07 -38.06 -17.31
N ILE A 495 -4.40 -36.94 -16.99
CA ILE A 495 -3.36 -36.89 -15.96
C ILE A 495 -3.89 -36.16 -14.72
N ALA A 496 -3.62 -36.73 -13.54
CA ALA A 496 -4.04 -36.17 -12.26
C ALA A 496 -3.12 -35.04 -11.84
N ARG B 5 4.66 -5.29 -23.75
CA ARG B 5 3.61 -4.26 -24.03
C ARG B 5 2.86 -4.54 -25.32
N ASN B 6 1.55 -4.79 -25.19
CA ASN B 6 0.68 -5.15 -26.31
C ASN B 6 -0.51 -4.19 -26.40
N LEU B 7 -0.86 -3.79 -27.62
CA LEU B 7 -1.98 -2.89 -27.88
C LEU B 7 -3.28 -3.46 -27.32
N ARG B 8 -3.46 -4.78 -27.49
CA ARG B 8 -4.64 -5.50 -27.01
C ARG B 8 -4.72 -5.47 -25.48
N ASP B 9 -3.60 -5.76 -24.82
CA ASP B 9 -3.51 -5.71 -23.36
C ASP B 9 -3.74 -4.29 -22.85
N LEU B 10 -3.01 -3.33 -23.43
CA LEU B 10 -3.10 -1.91 -23.09
C LEU B 10 -4.56 -1.43 -23.06
N LEU B 11 -5.31 -1.76 -24.13
CA LEU B 11 -6.66 -1.26 -24.34
C LEU B 11 -7.79 -2.16 -23.80
N ALA B 12 -7.43 -3.35 -23.29
CA ALA B 12 -8.41 -4.32 -22.77
C ALA B 12 -9.49 -3.69 -21.88
N PRO B 13 -9.14 -2.85 -20.87
CA PRO B 13 -10.16 -2.24 -20.02
C PRO B 13 -11.20 -1.37 -20.74
N TRP B 14 -10.85 -0.84 -21.92
CA TRP B 14 -11.67 0.15 -22.64
C TRP B 14 -12.19 -0.32 -24.00
N VAL B 15 -11.32 -0.94 -24.80
CA VAL B 15 -11.65 -1.43 -26.14
C VAL B 15 -11.55 -2.95 -26.17
N PRO B 16 -12.68 -3.68 -26.06
CA PRO B 16 -12.65 -5.15 -26.14
C PRO B 16 -12.26 -5.53 -27.57
N ASP B 17 -11.38 -6.52 -27.71
CA ASP B 17 -10.95 -7.01 -29.01
C ASP B 17 -10.30 -5.91 -29.87
N ALA B 18 -9.24 -5.30 -29.33
CA ALA B 18 -8.36 -4.43 -30.09
C ALA B 18 -7.28 -5.33 -30.68
N PRO B 19 -6.69 -5.00 -31.85
CA PRO B 19 -5.64 -5.82 -32.45
C PRO B 19 -4.43 -6.04 -31.54
N SER B 20 -3.74 -7.17 -31.74
CA SER B 20 -2.57 -7.54 -30.96
C SER B 20 -1.29 -7.07 -31.65
N ARG B 21 -0.60 -6.08 -31.04
CA ARG B 21 0.65 -5.51 -31.55
C ARG B 21 1.66 -5.28 -30.43
N ALA B 22 2.92 -5.64 -30.69
CA ALA B 22 4.01 -5.37 -29.76
C ALA B 22 4.40 -3.90 -29.86
N LEU B 23 4.49 -3.23 -28.70
CA LEU B 23 4.73 -1.80 -28.60
C LEU B 23 6.01 -1.53 -27.83
N ARG B 24 6.79 -0.53 -28.30
CA ARG B 24 8.04 -0.15 -27.67
C ARG B 24 7.80 0.98 -26.66
N GLU B 25 7.83 2.22 -27.15
CA GLU B 25 7.61 3.41 -26.34
C GLU B 25 6.28 4.04 -26.70
N MET B 26 5.83 4.97 -25.84
CA MET B 26 4.59 5.70 -26.02
C MET B 26 4.96 7.17 -26.10
N THR B 27 4.51 7.85 -27.15
CA THR B 27 4.88 9.24 -27.40
C THR B 27 3.76 10.08 -28.00
N LEU B 28 3.71 11.37 -27.62
CA LEU B 28 2.79 12.36 -28.15
C LEU B 28 3.40 13.11 -29.34
N ASP B 29 4.73 13.01 -29.47
CA ASP B 29 5.51 13.77 -30.46
C ASP B 29 5.79 12.88 -31.66
N SER B 30 5.23 13.25 -32.82
CA SER B 30 5.40 12.51 -34.07
C SER B 30 6.83 12.54 -34.60
N ARG B 31 7.60 13.55 -34.17
CA ARG B 31 8.97 13.75 -34.61
C ARG B 31 9.95 12.75 -33.99
N VAL B 32 9.60 12.20 -32.82
CA VAL B 32 10.41 11.17 -32.17
C VAL B 32 9.80 9.76 -32.25
N ALA B 33 8.62 9.67 -32.88
CA ALA B 33 7.90 8.40 -33.04
C ALA B 33 8.70 7.42 -33.90
N ALA B 34 9.41 6.49 -33.24
CA ALA B 34 10.25 5.49 -33.89
C ALA B 34 9.45 4.28 -34.34
N ALA B 35 10.14 3.30 -34.92
CA ALA B 35 9.54 2.02 -35.31
C ALA B 35 9.20 1.22 -34.07
N GLY B 36 7.98 0.67 -34.04
CA GLY B 36 7.49 -0.13 -32.93
C GLY B 36 6.73 0.65 -31.87
N ASP B 37 6.81 1.99 -31.93
CA ASP B 37 6.22 2.87 -30.92
C ASP B 37 4.71 2.95 -31.01
N LEU B 38 4.08 3.34 -29.89
CA LEU B 38 2.70 3.76 -29.85
C LEU B 38 2.70 5.27 -29.96
N PHE B 39 2.03 5.80 -30.99
CA PHE B 39 1.87 7.24 -31.15
C PHE B 39 0.48 7.61 -30.69
N VAL B 40 0.38 8.67 -29.86
CA VAL B 40 -0.87 9.15 -29.33
C VAL B 40 -1.17 10.53 -29.91
N ALA B 41 -2.23 10.59 -30.74
CA ALA B 41 -2.64 11.80 -31.43
C ALA B 41 -3.68 12.56 -30.62
N VAL B 42 -3.23 13.66 -30.00
CA VAL B 42 -4.07 14.47 -29.10
C VAL B 42 -4.38 15.84 -29.69
N VAL B 43 -5.49 16.43 -29.23
CA VAL B 43 -5.89 17.78 -29.60
C VAL B 43 -5.79 18.66 -28.37
N GLY B 44 -5.27 19.89 -28.57
CA GLY B 44 -5.16 20.89 -27.51
C GLY B 44 -5.35 22.31 -28.03
N ALA B 47 -3.25 22.97 -31.35
CA ALA B 47 -2.54 21.94 -32.11
C ALA B 47 -3.32 20.63 -32.11
N ASP B 48 -3.29 19.93 -33.25
CA ASP B 48 -3.98 18.65 -33.44
C ASP B 48 -2.99 17.60 -33.97
N GLY B 49 -2.63 16.65 -33.10
CA GLY B 49 -1.71 15.58 -33.42
C GLY B 49 -2.19 14.60 -34.47
N ARG B 50 -3.50 14.61 -34.77
CA ARG B 50 -4.09 13.79 -35.84
C ARG B 50 -3.61 14.20 -37.23
N ARG B 51 -3.16 15.46 -37.36
CA ARG B 51 -2.51 15.95 -38.58
C ARG B 51 -1.31 15.09 -38.95
N TYR B 52 -0.55 14.66 -37.92
CA TYR B 52 0.72 13.94 -38.11
C TYR B 52 0.60 12.41 -38.06
N ILE B 53 -0.59 11.88 -38.40
CA ILE B 53 -0.82 10.44 -38.48
C ILE B 53 -0.04 9.82 -39.63
N PRO B 54 -0.08 10.39 -40.87
CA PRO B 54 0.67 9.85 -41.99
C PRO B 54 2.19 9.91 -41.79
N GLN B 55 2.67 10.97 -41.13
CA GLN B 55 4.07 11.12 -40.73
C GLN B 55 4.53 9.94 -39.86
N ALA B 56 3.74 9.64 -38.82
CA ALA B 56 4.01 8.57 -37.87
C ALA B 56 4.00 7.20 -38.54
N ILE B 57 2.96 6.93 -39.34
CA ILE B 57 2.84 5.71 -40.12
C ILE B 57 4.06 5.53 -41.03
N ALA B 58 4.44 6.62 -41.70
CA ALA B 58 5.64 6.64 -42.55
C ALA B 58 6.92 6.35 -41.77
N GLN B 59 6.95 6.77 -40.50
CA GLN B 59 8.09 6.52 -39.60
C GLN B 59 8.01 5.15 -38.90
N GLY B 60 6.92 4.41 -39.13
CA GLY B 60 6.82 3.00 -38.83
C GLY B 60 6.34 2.62 -37.43
N VAL B 61 5.48 3.45 -36.85
CA VAL B 61 4.87 3.16 -35.56
C VAL B 61 4.06 1.86 -35.65
N ALA B 62 4.06 1.10 -34.55
CA ALA B 62 3.32 -0.16 -34.46
C ALA B 62 1.82 0.06 -34.44
N ALA B 63 1.39 1.16 -33.80
CA ALA B 63 -0.03 1.51 -33.70
C ALA B 63 -0.22 2.97 -33.27
N ILE B 64 -1.45 3.44 -33.40
CA ILE B 64 -1.85 4.79 -33.06
C ILE B 64 -3.16 4.80 -32.27
N ILE B 65 -3.22 5.66 -31.25
CA ILE B 65 -4.43 5.95 -30.49
C ILE B 65 -4.67 7.45 -30.67
N ALA B 66 -5.89 7.81 -31.06
CA ALA B 66 -6.20 9.17 -31.50
C ALA B 66 -7.47 9.71 -30.88
N GLU B 67 -7.58 11.05 -30.83
CA GLU B 67 -8.77 11.72 -30.36
C GLU B 67 -9.91 11.45 -31.33
N ALA B 68 -11.08 11.06 -30.81
CA ALA B 68 -12.24 10.67 -31.60
C ALA B 68 -13.12 11.85 -32.03
N LYS B 69 -13.00 12.97 -31.33
CA LYS B 69 -13.82 14.17 -31.56
C LYS B 69 -13.94 14.53 -33.04
N ASP B 70 -15.18 14.46 -33.56
CA ASP B 70 -15.56 14.80 -34.94
C ASP B 70 -15.17 13.77 -36.00
N GLU B 71 -14.17 12.94 -35.70
CA GLU B 71 -13.55 12.05 -36.67
C GLU B 71 -14.03 10.60 -36.55
N ALA B 72 -14.44 10.19 -35.36
CA ALA B 72 -14.80 8.79 -35.07
C ALA B 72 -15.59 8.62 -33.77
N THR B 73 -16.07 7.39 -33.54
CA THR B 73 -16.76 7.03 -32.31
C THR B 73 -15.74 6.49 -31.30
N ASP B 74 -16.14 6.45 -30.02
CA ASP B 74 -15.29 5.99 -28.93
C ASP B 74 -15.01 4.50 -29.03
N GLY B 75 -13.73 4.15 -29.14
CA GLY B 75 -13.30 2.76 -29.29
C GLY B 75 -13.40 2.24 -30.71
N GLU B 76 -13.54 3.16 -31.68
CA GLU B 76 -13.62 2.79 -33.08
C GLU B 76 -12.26 2.34 -33.56
N ILE B 77 -12.20 1.13 -34.12
CA ILE B 77 -10.97 0.52 -34.62
C ILE B 77 -10.91 0.65 -36.14
N ARG B 78 -9.96 1.48 -36.61
CA ARG B 78 -9.67 1.65 -38.03
C ARG B 78 -8.25 1.24 -38.31
N GLU B 79 -7.88 1.21 -39.58
CA GLU B 79 -6.54 0.85 -40.02
C GLU B 79 -6.12 1.75 -41.18
N MET B 80 -4.88 2.25 -41.12
CA MET B 80 -4.30 3.09 -42.15
C MET B 80 -2.91 2.56 -42.52
N HIS B 81 -2.76 2.08 -43.76
CA HIS B 81 -1.53 1.49 -44.28
C HIS B 81 -1.01 0.33 -43.41
N GLY B 82 -1.94 -0.49 -42.92
CA GLY B 82 -1.63 -1.65 -42.09
C GLY B 82 -1.37 -1.37 -40.61
N VAL B 83 -1.54 -0.10 -40.21
CA VAL B 83 -1.29 0.34 -38.84
C VAL B 83 -2.62 0.59 -38.14
N PRO B 84 -2.91 -0.08 -36.99
CA PRO B 84 -4.14 0.17 -36.23
C PRO B 84 -4.21 1.61 -35.70
N VAL B 85 -5.27 2.32 -36.08
CA VAL B 85 -5.61 3.62 -35.50
C VAL B 85 -6.89 3.44 -34.70
N ILE B 86 -6.79 3.64 -33.39
CA ILE B 86 -7.90 3.43 -32.45
C ILE B 86 -8.28 4.76 -31.82
N TYR B 87 -9.57 5.10 -31.89
CA TYR B 87 -10.08 6.39 -31.47
C TYR B 87 -10.76 6.32 -30.10
N LEU B 88 -10.41 7.29 -29.23
CA LEU B 88 -10.93 7.38 -27.88
C LEU B 88 -11.41 8.81 -27.63
N SER B 89 -12.69 8.93 -27.23
N SER B 89 -12.69 8.93 -27.23
CA SER B 89 -13.28 10.22 -26.90
C SER B 89 -12.71 10.74 -25.58
N GLN B 90 -12.53 12.06 -25.50
CA GLN B 90 -11.95 12.74 -24.33
C GLN B 90 -10.62 12.11 -23.93
N LEU B 91 -9.73 11.96 -24.92
CA LEU B 91 -8.42 11.33 -24.78
C LEU B 91 -7.49 12.06 -23.82
N ASN B 92 -7.65 13.39 -23.73
CA ASN B 92 -6.87 14.23 -22.81
C ASN B 92 -7.06 13.81 -21.36
N GLU B 93 -8.32 13.54 -20.99
CA GLU B 93 -8.67 13.08 -19.65
C GLU B 93 -8.08 11.71 -19.34
N ARG B 94 -8.07 10.83 -20.35
CA ARG B 94 -7.75 9.41 -20.20
C ARG B 94 -6.29 9.07 -20.46
N LEU B 95 -5.50 10.09 -20.79
CA LEU B 95 -4.11 9.91 -21.16
C LEU B 95 -3.28 9.36 -20.00
N SER B 96 -3.50 9.94 -18.80
CA SER B 96 -2.83 9.51 -17.58
C SER B 96 -3.13 8.03 -17.27
N ALA B 97 -4.41 7.65 -17.33
CA ALA B 97 -4.83 6.26 -17.14
C ALA B 97 -4.23 5.35 -18.21
N LEU B 98 -4.22 5.82 -19.45
CA LEU B 98 -3.70 5.07 -20.58
C LEU B 98 -2.20 4.82 -20.39
N ALA B 99 -1.48 5.90 -20.09
CA ALA B 99 -0.04 5.88 -19.83
C ALA B 99 0.31 5.06 -18.58
N GLY B 100 -0.54 5.16 -17.55
CA GLY B 100 -0.40 4.38 -16.33
C GLY B 100 -0.40 2.88 -16.59
N ARG B 101 -1.38 2.41 -17.36
CA ARG B 101 -1.49 1.01 -17.73
C ARG B 101 -0.32 0.56 -18.61
N PHE B 102 0.09 1.43 -19.55
CA PHE B 102 1.24 1.19 -20.41
C PHE B 102 2.53 0.96 -19.63
N TYR B 103 2.73 1.76 -18.58
CA TYR B 103 3.95 1.74 -17.77
C TYR B 103 3.81 0.98 -16.45
N HIS B 104 2.86 0.04 -16.42
CA HIS B 104 2.68 -0.93 -15.33
C HIS B 104 2.38 -0.27 -13.98
N GLU B 105 1.49 0.72 -14.00
CA GLU B 105 0.94 1.37 -12.80
C GLU B 105 2.01 1.73 -11.77
N PRO B 106 2.91 2.70 -12.07
CA PRO B 106 3.99 3.07 -11.16
C PRO B 106 3.53 3.49 -9.76
N SER B 107 2.45 4.28 -9.68
CA SER B 107 1.97 4.80 -8.40
C SER B 107 1.30 3.74 -7.49
N ASP B 108 0.99 2.58 -8.07
CA ASP B 108 0.57 1.38 -7.33
C ASP B 108 1.76 0.53 -6.86
N ASN B 109 2.98 0.91 -7.27
CA ASN B 109 4.21 0.19 -6.93
C ASN B 109 5.24 1.03 -6.16
N LEU B 110 4.78 2.18 -5.63
CA LEU B 110 5.51 2.92 -4.62
C LEU B 110 4.55 3.83 -3.87
N ARG B 111 4.99 4.30 -2.70
CA ARG B 111 4.23 5.23 -1.89
C ARG B 111 4.42 6.63 -2.47
N LEU B 112 3.39 7.14 -3.16
CA LEU B 112 3.45 8.44 -3.83
C LEU B 112 2.74 9.51 -3.00
N VAL B 113 3.44 10.62 -2.74
CA VAL B 113 2.89 11.75 -2.02
C VAL B 113 2.93 12.98 -2.92
N GLY B 114 1.75 13.57 -3.14
CA GLY B 114 1.59 14.79 -3.92
C GLY B 114 1.55 16.00 -3.02
N VAL B 115 2.38 17.00 -3.30
CA VAL B 115 2.40 18.26 -2.58
C VAL B 115 1.93 19.37 -3.50
N THR B 116 0.84 20.05 -3.09
CA THR B 116 0.22 21.14 -3.85
C THR B 116 0.23 22.42 -3.01
N GLY B 117 0.12 23.56 -3.69
CA GLY B 117 0.14 24.88 -3.08
C GLY B 117 1.08 25.80 -3.82
N THR B 118 1.14 27.06 -3.38
CA THR B 118 1.96 28.07 -4.04
C THR B 118 3.43 27.95 -3.64
N ASN B 119 3.69 28.01 -2.33
CA ASN B 119 5.04 27.94 -1.77
C ASN B 119 5.26 26.68 -0.98
N GLY B 120 6.53 26.34 -0.77
CA GLY B 120 6.92 25.23 0.06
C GLY B 120 6.81 23.85 -0.55
N LYS B 121 6.49 23.77 -1.85
CA LYS B 121 6.34 22.50 -2.55
C LYS B 121 7.65 21.74 -2.62
N THR B 122 8.72 22.44 -3.02
CA THR B 122 10.04 21.83 -3.20
C THR B 122 10.65 21.38 -1.87
N THR B 123 10.56 22.26 -0.87
CA THR B 123 11.06 21.98 0.49
C THR B 123 10.30 20.83 1.13
N THR B 124 8.97 20.84 1.03
CA THR B 124 8.13 19.81 1.61
C THR B 124 8.38 18.46 0.94
N THR B 125 8.48 18.48 -0.39
N THR B 125 8.53 18.47 -0.39
CA THR B 125 8.86 17.33 -1.20
CA THR B 125 8.84 17.25 -1.13
C THR B 125 10.18 16.70 -0.71
C THR B 125 10.21 16.67 -0.74
N GLN B 126 11.22 17.53 -0.60
CA GLN B 126 12.56 17.07 -0.20
C GLN B 126 12.59 16.50 1.21
N LEU B 127 11.85 17.13 2.13
CA LEU B 127 11.73 16.65 3.51
C LEU B 127 11.06 15.26 3.58
N LEU B 128 9.96 15.10 2.84
CA LEU B 128 9.24 13.83 2.74
C LEU B 128 10.16 12.73 2.22
N ALA B 129 10.83 13.00 1.10
CA ALA B 129 11.76 12.06 0.49
C ALA B 129 12.90 11.70 1.47
N GLN B 130 13.50 12.74 2.09
CA GLN B 130 14.56 12.56 3.09
C GLN B 130 14.12 11.72 4.28
N TRP B 131 13.02 12.14 4.92
CA TRP B 131 12.60 11.56 6.18
C TRP B 131 12.18 10.10 5.98
N SER B 132 11.48 9.84 4.86
CA SER B 132 11.03 8.50 4.53
C SER B 132 12.25 7.63 4.26
N GLN B 133 13.24 8.18 3.57
CA GLN B 133 14.49 7.46 3.28
C GLN B 133 15.29 7.15 4.53
N LEU B 134 15.26 8.08 5.50
CA LEU B 134 15.89 7.89 6.80
C LEU B 134 15.24 6.76 7.60
N LEU B 135 13.98 6.45 7.30
CA LEU B 135 13.24 5.36 7.94
C LEU B 135 13.28 4.05 7.15
N GLY B 136 14.10 3.99 6.09
CA GLY B 136 14.37 2.77 5.36
C GLY B 136 13.89 2.70 3.92
N GLU B 137 13.14 3.72 3.47
CA GLU B 137 12.70 3.78 2.08
C GLU B 137 13.87 4.17 1.18
N ILE B 138 13.75 3.83 -0.11
CA ILE B 138 14.58 4.41 -1.15
C ILE B 138 13.67 5.44 -1.79
N SER B 139 13.93 6.73 -1.50
CA SER B 139 13.02 7.79 -1.83
C SER B 139 13.48 8.61 -3.03
N ALA B 140 12.50 9.18 -3.74
CA ALA B 140 12.74 10.00 -4.92
C ALA B 140 11.87 11.25 -4.85
N VAL B 141 12.15 12.19 -5.76
CA VAL B 141 11.36 13.41 -5.91
C VAL B 141 11.14 13.66 -7.37
N MET B 142 10.00 14.28 -7.68
CA MET B 142 9.70 14.83 -8.98
C MET B 142 9.20 16.24 -8.73
N GLY B 143 9.96 17.23 -9.20
CA GLY B 143 9.68 18.63 -8.92
C GLY B 143 10.29 19.61 -9.89
N THR B 144 10.11 20.91 -9.59
CA THR B 144 10.52 22.02 -10.44
C THR B 144 12.04 22.01 -10.72
N VAL B 145 12.82 21.62 -9.71
CA VAL B 145 14.25 21.40 -9.86
C VAL B 145 14.45 20.27 -10.88
N GLY B 146 13.84 19.11 -10.59
CA GLY B 146 13.88 17.96 -11.48
C GLY B 146 13.43 16.67 -10.82
N ASN B 147 13.63 15.56 -11.54
CA ASN B 147 13.26 14.21 -11.10
C ASN B 147 14.49 13.37 -10.80
N GLY B 148 14.30 12.36 -9.93
CA GLY B 148 15.34 11.39 -9.64
C GLY B 148 15.35 10.94 -8.20
N LEU B 149 16.07 9.85 -7.94
CA LEU B 149 16.32 9.37 -6.59
C LEU B 149 17.02 10.48 -5.82
N LEU B 150 16.74 10.57 -4.52
CA LEU B 150 17.34 11.54 -3.64
C LEU B 150 18.87 11.56 -3.81
N GLY B 151 19.40 12.70 -4.24
CA GLY B 151 20.82 12.87 -4.51
C GLY B 151 21.20 12.84 -5.99
N LYS B 152 20.42 12.13 -6.80
CA LYS B 152 20.63 12.00 -8.24
C LYS B 152 19.50 12.66 -9.04
N VAL B 153 19.15 13.89 -8.67
CA VAL B 153 18.07 14.64 -9.31
C VAL B 153 18.61 15.44 -10.49
N ILE B 154 17.90 15.39 -11.63
CA ILE B 154 18.30 16.09 -12.86
C ILE B 154 17.08 16.70 -13.55
N PRO B 155 17.24 17.86 -14.24
CA PRO B 155 16.10 18.60 -14.80
C PRO B 155 15.12 17.76 -15.65
N GLY B 161 5.87 18.88 -20.45
CA GLY B 161 5.72 17.74 -19.56
C GLY B 161 4.28 17.28 -19.45
N SER B 162 3.95 16.17 -20.13
CA SER B 162 2.58 15.67 -20.29
C SER B 162 2.18 14.59 -19.28
N ALA B 163 0.92 14.13 -19.38
CA ALA B 163 0.40 13.03 -18.57
C ALA B 163 1.19 11.73 -18.78
N VAL B 164 1.69 11.54 -20.00
CA VAL B 164 2.49 10.38 -20.37
C VAL B 164 3.87 10.45 -19.73
N ASP B 165 4.48 11.64 -19.78
CA ASP B 165 5.81 11.89 -19.22
C ASP B 165 5.85 11.64 -17.71
N VAL B 166 4.82 12.10 -17.01
CA VAL B 166 4.68 11.88 -15.57
C VAL B 166 4.69 10.38 -15.24
N GLN B 167 3.84 9.62 -15.93
CA GLN B 167 3.73 8.17 -15.74
C GLN B 167 5.03 7.47 -16.11
N HIS B 168 5.65 7.91 -17.21
CA HIS B 168 6.90 7.36 -17.73
C HIS B 168 8.08 7.59 -16.78
N GLU B 169 8.17 8.81 -16.23
CA GLU B 169 9.24 9.17 -15.34
C GLU B 169 9.11 8.43 -14.00
N LEU B 170 7.89 8.37 -13.47
CA LEU B 170 7.61 7.64 -12.24
C LEU B 170 7.92 6.16 -12.41
N ALA B 171 7.60 5.61 -13.59
CA ALA B 171 7.96 4.25 -13.95
C ALA B 171 9.47 4.04 -13.92
N GLY B 172 10.22 5.05 -14.38
CA GLY B 172 11.67 5.05 -14.35
C GLY B 172 12.25 4.98 -12.94
N LEU B 173 11.62 5.70 -12.01
CA LEU B 173 11.99 5.72 -10.61
C LEU B 173 11.69 4.37 -9.94
N VAL B 174 10.57 3.76 -10.33
CA VAL B 174 10.20 2.41 -9.87
C VAL B 174 11.30 1.42 -10.28
N ASP B 175 11.69 1.47 -11.57
CA ASP B 175 12.75 0.63 -12.13
C ASP B 175 14.10 0.81 -11.46
N GLN B 176 14.37 2.04 -11.00
CA GLN B 176 15.61 2.35 -10.28
C GLN B 176 15.59 1.91 -8.82
N GLY B 177 14.44 1.38 -8.37
CA GLY B 177 14.27 0.81 -7.04
C GLY B 177 13.56 1.68 -6.02
N ALA B 178 12.99 2.81 -6.48
CA ALA B 178 12.31 3.76 -5.61
C ALA B 178 11.05 3.13 -5.04
N THR B 179 10.90 3.26 -3.71
CA THR B 179 9.74 2.78 -2.98
C THR B 179 8.87 3.92 -2.45
N PHE B 180 9.37 5.16 -2.57
CA PHE B 180 8.73 6.38 -2.10
C PHE B 180 9.06 7.49 -3.07
N CYS B 181 8.04 8.28 -3.46
CA CYS B 181 8.25 9.45 -4.30
C CYS B 181 7.44 10.62 -3.79
N ALA B 182 8.10 11.77 -3.62
CA ALA B 182 7.46 13.03 -3.27
C ALA B 182 7.37 13.90 -4.52
N MET B 183 6.14 14.18 -4.96
CA MET B 183 5.88 14.86 -6.22
C MET B 183 5.26 16.24 -6.00
N GLU B 184 5.86 17.27 -6.59
CA GLU B 184 5.27 18.59 -6.69
C GLU B 184 4.17 18.51 -7.72
N VAL B 185 2.96 18.91 -7.33
CA VAL B 185 1.80 18.94 -8.21
C VAL B 185 1.40 20.39 -8.42
N SER B 186 1.69 20.92 -9.61
CA SER B 186 1.37 22.29 -9.97
C SER B 186 -0.14 22.41 -10.18
N SER B 187 -0.67 23.61 -9.93
CA SER B 187 -2.08 23.91 -10.13
C SER B 187 -2.46 23.73 -11.59
N HIS B 188 -1.59 24.21 -12.47
CA HIS B 188 -1.72 24.10 -13.92
C HIS B 188 -1.83 22.64 -14.39
N GLY B 189 -0.93 21.78 -13.89
CA GLY B 189 -0.89 20.37 -14.25
C GLY B 189 -2.13 19.60 -13.81
N LEU B 190 -2.66 19.99 -12.66
CA LEU B 190 -3.84 19.37 -12.07
C LEU B 190 -5.07 19.60 -12.94
N VAL B 191 -5.24 20.86 -13.38
CA VAL B 191 -6.35 21.27 -14.25
C VAL B 191 -6.30 20.59 -15.64
N GLN B 192 -5.08 20.25 -16.09
CA GLN B 192 -4.85 19.60 -17.38
C GLN B 192 -4.74 18.07 -17.31
N HIS B 193 -5.17 17.48 -16.19
CA HIS B 193 -5.27 16.04 -16.03
C HIS B 193 -3.93 15.31 -16.21
N ARG B 194 -2.83 15.99 -15.85
CA ARG B 194 -1.48 15.43 -15.93
C ARG B 194 -1.20 14.37 -14.87
N VAL B 195 -1.99 14.36 -13.79
CA VAL B 195 -1.87 13.38 -12.71
C VAL B 195 -3.20 12.67 -12.41
N ALA B 196 -4.13 12.72 -13.37
CA ALA B 196 -5.51 12.25 -13.19
C ALA B 196 -5.65 10.81 -12.66
N ALA B 197 -4.74 9.92 -13.09
CA ALA B 197 -4.83 8.50 -12.78
C ALA B 197 -3.77 7.99 -11.80
N LEU B 198 -3.05 8.91 -11.17
CA LEU B 198 -2.04 8.58 -10.17
C LEU B 198 -2.70 8.26 -8.84
N LYS B 199 -2.29 7.14 -8.25
CA LYS B 199 -2.74 6.75 -6.92
C LYS B 199 -1.82 7.41 -5.91
N PHE B 200 -2.25 8.57 -5.40
CA PHE B 200 -1.54 9.25 -4.33
C PHE B 200 -1.89 8.60 -3.00
N ALA B 201 -0.87 8.12 -2.29
CA ALA B 201 -1.01 7.65 -0.93
C ALA B 201 -1.46 8.80 -0.04
N ALA B 202 -0.94 9.99 -0.33
CA ALA B 202 -1.30 11.20 0.40
C ALA B 202 -1.16 12.45 -0.47
N SER B 203 -1.97 13.46 -0.15
CA SER B 203 -1.94 14.76 -0.79
C SER B 203 -1.78 15.82 0.31
N VAL B 204 -0.79 16.71 0.11
CA VAL B 204 -0.45 17.76 1.06
C VAL B 204 -0.78 19.11 0.46
N PHE B 205 -1.30 20.02 1.29
CA PHE B 205 -1.59 21.39 0.90
C PHE B 205 -0.76 22.32 1.76
N THR B 206 0.10 23.12 1.13
CA THR B 206 0.97 24.07 1.83
C THR B 206 0.27 25.41 2.06
N ASN B 207 -0.10 26.09 0.97
CA ASN B 207 -0.73 27.41 1.02
C ASN B 207 -1.34 27.87 -0.31
N LEU B 208 -2.01 29.02 -0.27
CA LEU B 208 -2.76 29.62 -1.38
C LEU B 208 -3.38 28.55 -2.28
N ASP B 218 -17.52 34.53 -8.80
CA ASP B 218 -16.28 34.15 -9.48
C ASP B 218 -15.45 33.21 -8.62
N MET B 219 -15.27 33.56 -7.33
CA MET B 219 -14.68 32.67 -6.33
C MET B 219 -15.46 31.36 -6.20
N GLU B 220 -16.76 31.41 -6.52
CA GLU B 220 -17.63 30.24 -6.50
C GLU B 220 -17.30 29.23 -7.60
N HIS B 221 -17.12 29.71 -8.84
CA HIS B 221 -16.77 28.85 -9.98
C HIS B 221 -15.36 28.26 -9.85
N TYR B 222 -14.42 29.06 -9.34
CA TYR B 222 -13.03 28.65 -9.16
C TYR B 222 -12.96 27.52 -8.13
N GLU B 223 -13.62 27.72 -6.99
CA GLU B 223 -13.72 26.72 -5.94
C GLU B 223 -14.44 25.46 -6.44
N ALA B 224 -15.54 25.66 -7.17
CA ALA B 224 -16.34 24.57 -7.74
C ALA B 224 -15.50 23.71 -8.68
N ALA B 225 -14.71 24.36 -9.53
CA ALA B 225 -13.80 23.69 -10.45
C ALA B 225 -12.78 22.85 -9.69
N LYS B 226 -12.22 23.42 -8.63
CA LYS B 226 -11.20 22.74 -7.83
C LYS B 226 -11.77 21.54 -7.06
N TRP B 227 -12.97 21.73 -6.49
CA TRP B 227 -13.67 20.68 -5.75
C TRP B 227 -14.02 19.51 -6.67
N LEU B 228 -14.53 19.86 -7.87
CA LEU B 228 -14.85 18.90 -8.92
C LEU B 228 -13.63 18.03 -9.25
N LEU B 229 -12.49 18.68 -9.50
CA LEU B 229 -11.22 18.00 -9.79
C LEU B 229 -10.80 17.06 -8.66
N TYR B 230 -10.90 17.53 -7.42
CA TYR B 230 -10.56 16.75 -6.22
C TYR B 230 -11.27 15.39 -6.23
N SER B 231 -12.60 15.43 -6.43
CA SER B 231 -13.44 14.24 -6.46
C SER B 231 -13.07 13.25 -7.58
N GLU B 232 -12.40 13.75 -8.62
CA GLU B 232 -11.97 12.94 -9.76
C GLU B 232 -10.63 12.24 -9.55
N HIS B 233 -9.87 12.68 -8.53
CA HIS B 233 -8.53 12.16 -8.26
C HIS B 233 -8.51 11.24 -7.04
N HIS B 234 -7.59 10.28 -7.05
CA HIS B 234 -7.29 9.44 -5.89
C HIS B 234 -6.20 10.16 -5.08
N CYS B 235 -6.65 11.01 -4.14
CA CYS B 235 -5.76 11.85 -3.33
C CYS B 235 -5.14 11.13 -2.14
N GLY B 236 -5.75 10.02 -1.72
CA GLY B 236 -5.36 9.28 -0.54
C GLY B 236 -5.61 10.11 0.69
N GLN B 237 -4.69 10.04 1.65
CA GLN B 237 -4.76 10.82 2.88
C GLN B 237 -4.52 12.30 2.62
N ALA B 238 -5.39 13.15 3.16
CA ALA B 238 -5.29 14.61 3.01
C ALA B 238 -4.59 15.21 4.23
N ILE B 239 -3.48 15.92 3.99
CA ILE B 239 -2.76 16.63 5.03
C ILE B 239 -2.70 18.12 4.65
N ILE B 240 -3.31 18.95 5.48
CA ILE B 240 -3.61 20.34 5.16
C ILE B 240 -3.15 21.33 6.22
N ASN B 241 -2.48 22.39 5.78
CA ASN B 241 -2.09 23.50 6.62
C ASN B 241 -3.32 24.33 6.98
N ALA B 242 -3.74 24.24 8.25
CA ALA B 242 -4.90 24.97 8.76
C ALA B 242 -4.62 26.45 9.08
N ASP B 243 -3.35 26.87 8.95
CA ASP B 243 -2.97 28.27 9.12
C ASP B 243 -3.26 29.09 7.87
N ASP B 244 -3.45 28.41 6.74
CA ASP B 244 -3.88 29.04 5.51
C ASP B 244 -5.41 29.06 5.42
N GLU B 245 -5.96 30.18 4.94
CA GLU B 245 -7.41 30.43 4.90
C GLU B 245 -8.15 29.45 3.98
N VAL B 246 -7.53 29.12 2.84
CA VAL B 246 -8.06 28.14 1.90
C VAL B 246 -7.88 26.73 2.47
N GLY B 247 -6.77 26.52 3.19
CA GLY B 247 -6.55 25.29 3.95
C GLY B 247 -7.71 24.92 4.85
N ARG B 248 -8.24 25.91 5.58
CA ARG B 248 -9.37 25.71 6.48
C ARG B 248 -10.68 25.46 5.72
N ARG B 249 -10.80 26.03 4.52
CA ARG B 249 -11.95 25.77 3.65
C ARG B 249 -11.94 24.32 3.18
N TRP B 250 -10.75 23.84 2.77
CA TRP B 250 -10.55 22.43 2.45
C TRP B 250 -10.95 21.55 3.65
N LEU B 251 -10.43 21.90 4.83
CA LEU B 251 -10.65 21.12 6.06
C LEU B 251 -12.11 21.02 6.47
N ALA B 252 -12.86 22.10 6.20
CA ALA B 252 -14.29 22.18 6.51
C ALA B 252 -15.10 21.06 5.82
N LYS B 253 -14.68 20.67 4.61
CA LYS B 253 -15.35 19.66 3.79
C LYS B 253 -14.76 18.25 3.88
N LEU B 254 -13.59 18.13 4.52
CA LEU B 254 -12.83 16.89 4.56
C LEU B 254 -12.62 16.45 6.01
N PRO B 255 -13.58 15.70 6.61
CA PRO B 255 -13.48 15.33 8.02
C PRO B 255 -12.35 14.35 8.36
N ASP B 256 -11.84 13.62 7.35
CA ASP B 256 -10.75 12.65 7.52
C ASP B 256 -9.35 13.22 7.27
N ALA B 257 -9.28 14.50 6.88
CA ALA B 257 -8.02 15.18 6.63
C ALA B 257 -7.31 15.44 7.95
N VAL B 258 -5.98 15.52 7.89
CA VAL B 258 -5.16 15.88 9.05
C VAL B 258 -4.89 17.37 9.02
N ALA B 259 -5.29 18.06 10.09
CA ALA B 259 -5.12 19.50 10.22
C ALA B 259 -3.77 19.77 10.87
N VAL B 260 -2.98 20.63 10.23
CA VAL B 260 -1.66 20.99 10.74
C VAL B 260 -1.61 22.50 10.96
N SER B 261 -1.02 22.92 12.09
CA SER B 261 -0.96 24.33 12.47
C SER B 261 0.22 24.64 13.37
N MET B 262 0.66 25.90 13.33
CA MET B 262 1.61 26.46 14.28
C MET B 262 1.13 27.81 14.84
N GLU B 263 -0.11 28.18 14.52
CA GLU B 263 -0.75 29.44 14.95
C GLU B 263 -2.13 29.19 15.56
N ASP B 264 -2.27 28.10 16.31
CA ASP B 264 -3.47 27.84 17.10
C ASP B 264 -4.77 27.73 16.26
N HIS B 265 -4.72 27.02 15.14
CA HIS B 265 -5.88 26.88 14.24
C HIS B 265 -6.56 25.50 14.26
N ILE B 266 -6.00 24.56 15.01
CA ILE B 266 -6.62 23.26 15.26
C ILE B 266 -7.89 23.50 16.09
N ASN B 267 -9.02 23.05 15.55
CA ASN B 267 -10.28 23.03 16.27
C ASN B 267 -10.52 21.61 16.77
N PRO B 268 -10.26 21.33 18.08
CA PRO B 268 -10.35 19.97 18.62
C PRO B 268 -11.78 19.40 18.75
N ASN B 269 -12.81 20.26 18.67
CA ASN B 269 -14.22 19.85 18.67
C ASN B 269 -14.58 18.85 17.56
N CYS B 270 -13.88 18.94 16.42
N CYS B 270 -13.88 18.94 16.42
CA CYS B 270 -14.11 18.07 15.26
CA CYS B 270 -14.13 18.06 15.27
C CYS B 270 -13.74 16.61 15.51
C CYS B 270 -13.76 16.60 15.53
N HIS B 271 -12.87 16.36 16.50
CA HIS B 271 -12.37 15.03 16.87
C HIS B 271 -11.56 14.33 15.76
N GLY B 272 -11.03 15.13 14.84
CA GLY B 272 -10.24 14.65 13.71
C GLY B 272 -8.79 14.51 14.12
N ARG B 273 -7.96 14.11 13.16
CA ARG B 273 -6.53 14.00 13.36
C ARG B 273 -5.91 15.40 13.22
N TRP B 274 -4.82 15.62 13.95
CA TRP B 274 -4.18 16.92 14.00
C TRP B 274 -2.73 16.86 14.45
N LEU B 275 -2.01 17.96 14.18
CA LEU B 275 -0.65 18.17 14.61
C LEU B 275 -0.43 19.69 14.70
N LYS B 276 -0.02 20.17 15.87
CA LYS B 276 0.25 21.58 16.08
C LYS B 276 1.54 21.82 16.86
N ALA B 277 2.33 22.79 16.39
CA ALA B 277 3.47 23.28 17.13
C ALA B 277 2.92 24.08 18.29
N THR B 278 3.33 23.73 19.51
CA THR B 278 2.93 24.45 20.72
C THR B 278 3.85 25.65 20.96
N GLU B 279 5.15 25.37 21.06
CA GLU B 279 6.19 26.38 21.19
C GLU B 279 7.26 26.15 20.13
N VAL B 280 7.81 27.24 19.60
CA VAL B 280 8.93 27.19 18.66
C VAL B 280 9.97 28.20 19.12
N ASN B 281 11.22 27.75 19.25
CA ASN B 281 12.35 28.62 19.55
C ASN B 281 13.27 28.70 18.34
N TYR B 282 13.24 29.84 17.66
CA TYR B 282 14.14 30.10 16.55
C TYR B 282 15.47 30.57 17.14
N HIS B 283 16.53 29.79 16.89
CA HIS B 283 17.87 30.05 17.41
C HIS B 283 18.89 30.08 16.27
N ASP B 284 20.16 30.29 16.64
CA ASP B 284 21.19 30.67 15.67
C ASP B 284 21.59 29.58 14.68
N SER B 285 21.14 28.34 14.91
CA SER B 285 21.46 27.21 14.03
C SER B 285 20.24 26.43 13.53
N GLY B 286 19.04 26.93 13.83
CA GLY B 286 17.80 26.30 13.43
C GLY B 286 16.64 26.62 14.36
N ALA B 287 15.70 25.68 14.46
CA ALA B 287 14.48 25.84 15.27
C ALA B 287 14.23 24.61 16.14
N THR B 288 13.90 24.86 17.41
CA THR B 288 13.46 23.81 18.32
C THR B 288 11.94 23.85 18.38
N ILE B 289 11.31 22.77 17.91
CA ILE B 289 9.88 22.68 17.69
C ILE B 289 9.25 21.70 18.68
N ARG B 290 8.51 22.23 19.66
CA ARG B 290 7.65 21.42 20.53
C ARG B 290 6.26 21.36 19.91
N PHE B 291 5.71 20.14 19.84
CA PHE B 291 4.44 19.88 19.18
C PHE B 291 3.66 18.78 19.86
N SER B 292 2.33 18.85 19.72
N SER B 292 2.33 18.84 19.71
CA SER B 292 1.41 17.78 20.11
CA SER B 292 1.43 17.77 20.10
C SER B 292 0.69 17.30 18.85
C SER B 292 0.68 17.30 18.86
N SER B 293 0.21 16.06 18.89
CA SER B 293 -0.57 15.48 17.80
C SER B 293 -1.47 14.38 18.34
N SER B 294 -2.41 13.93 17.50
CA SER B 294 -3.25 12.79 17.83
C SER B 294 -2.44 11.49 17.85
N TRP B 295 -1.21 11.53 17.30
CA TRP B 295 -0.25 10.43 17.39
C TRP B 295 0.67 10.51 18.62
N GLY B 296 0.55 11.60 19.39
CA GLY B 296 1.41 11.86 20.52
C GLY B 296 2.25 13.11 20.35
N ASP B 297 2.91 13.50 21.45
CA ASP B 297 3.66 14.75 21.52
C ASP B 297 5.16 14.46 21.41
N GLY B 298 5.94 15.52 21.19
CA GLY B 298 7.37 15.39 20.98
C GLY B 298 8.06 16.72 20.81
N GLU B 299 9.39 16.66 20.62
CA GLU B 299 10.21 17.85 20.38
C GLU B 299 11.22 17.54 19.27
N ILE B 300 11.22 18.39 18.24
CA ILE B 300 12.12 18.25 17.09
C ILE B 300 13.13 19.39 17.05
N GLU B 301 14.38 19.06 16.74
CA GLU B 301 15.45 20.02 16.49
C GLU B 301 15.66 20.10 14.98
N SER B 302 15.03 21.11 14.36
CA SER B 302 15.13 21.33 12.91
C SER B 302 16.33 22.22 12.61
N HIS B 303 17.08 21.85 11.57
CA HIS B 303 18.20 22.63 11.07
C HIS B 303 17.82 23.52 9.89
N LEU B 304 16.51 23.82 9.78
CA LEU B 304 15.96 24.72 8.76
C LEU B 304 15.54 26.03 9.42
N MET B 305 15.48 27.10 8.63
CA MET B 305 15.29 28.46 9.12
C MET B 305 13.94 29.04 8.69
N GLY B 306 13.34 29.82 9.59
CA GLY B 306 12.14 30.57 9.31
C GLY B 306 10.88 29.83 9.69
N ALA B 307 9.78 30.57 9.82
CA ALA B 307 8.48 30.02 10.19
C ALA B 307 7.89 29.13 9.07
N PHE B 308 8.04 29.57 7.82
CA PHE B 308 7.49 28.85 6.67
C PHE B 308 8.03 27.42 6.64
N ASN B 309 9.32 27.25 6.97
CA ASN B 309 9.98 25.95 7.00
C ASN B 309 9.63 25.05 8.20
N VAL B 310 9.20 25.66 9.31
CA VAL B 310 8.62 24.89 10.40
C VAL B 310 7.32 24.26 9.88
N SER B 311 6.47 25.09 9.28
CA SER B 311 5.21 24.66 8.69
C SER B 311 5.42 23.47 7.72
N ASN B 312 6.37 23.63 6.80
CA ASN B 312 6.71 22.58 5.83
C ASN B 312 7.14 21.26 6.50
N LEU B 313 7.92 21.39 7.58
CA LEU B 313 8.42 20.23 8.33
C LEU B 313 7.28 19.53 9.08
N LEU B 314 6.39 20.32 9.68
CA LEU B 314 5.21 19.80 10.38
C LEU B 314 4.23 19.09 9.41
N LEU B 315 4.10 19.63 8.20
CA LEU B 315 3.30 19.01 7.16
C LEU B 315 3.86 17.65 6.78
N ALA B 316 5.19 17.59 6.58
CA ALA B 316 5.88 16.35 6.22
C ALA B 316 5.74 15.30 7.33
N LEU B 317 5.87 15.74 8.58
CA LEU B 317 5.70 14.91 9.77
C LEU B 317 4.29 14.31 9.85
N ALA B 318 3.29 15.19 9.83
CA ALA B 318 1.88 14.80 9.86
C ALA B 318 1.58 13.80 8.76
N THR B 319 2.13 14.05 7.57
CA THR B 319 1.95 13.18 6.40
C THR B 319 2.50 11.78 6.64
N LEU B 320 3.73 11.70 7.14
CA LEU B 320 4.37 10.42 7.40
C LEU B 320 3.70 9.68 8.56
N LEU B 321 3.26 10.43 9.58
CA LEU B 321 2.50 9.86 10.68
C LEU B 321 1.20 9.24 10.15
N ALA B 322 0.50 9.98 9.29
CA ALA B 322 -0.77 9.53 8.70
C ALA B 322 -0.60 8.25 7.90
N LEU B 323 0.55 8.11 7.22
CA LEU B 323 0.86 6.94 6.41
C LEU B 323 1.33 5.73 7.23
N GLY B 324 1.54 5.94 8.53
CA GLY B 324 1.89 4.88 9.45
C GLY B 324 3.36 4.70 9.80
N TYR B 325 4.19 5.71 9.52
CA TYR B 325 5.56 5.74 9.99
C TYR B 325 5.53 6.08 11.48
N PRO B 326 6.22 5.31 12.36
CA PRO B 326 6.11 5.52 13.80
C PRO B 326 6.70 6.85 14.29
N LEU B 327 5.96 7.55 15.15
CA LEU B 327 6.40 8.82 15.75
C LEU B 327 7.83 8.75 16.29
N ALA B 328 8.13 7.68 17.05
CA ALA B 328 9.45 7.53 17.69
C ALA B 328 10.59 7.46 16.67
N ASP B 329 10.32 6.83 15.52
CA ASP B 329 11.30 6.73 14.44
C ASP B 329 11.52 8.07 13.72
N LEU B 330 10.42 8.79 13.49
CA LEU B 330 10.47 10.11 12.87
C LEU B 330 11.21 11.10 13.76
N LEU B 331 10.98 11.04 15.07
CA LEU B 331 11.68 11.87 16.05
C LEU B 331 13.19 11.57 16.08
N LYS B 332 13.54 10.28 16.05
CA LYS B 332 14.93 9.83 16.05
C LYS B 332 15.75 10.35 14.87
N THR B 333 15.08 10.66 13.76
CA THR B 333 15.74 10.99 12.50
C THR B 333 15.55 12.44 12.05
N ALA B 334 14.82 13.23 12.85
CA ALA B 334 14.44 14.61 12.46
C ALA B 334 15.64 15.55 12.35
N ALA B 335 16.65 15.36 13.21
CA ALA B 335 17.84 16.20 13.24
C ALA B 335 18.69 16.07 11.98
N ARG B 336 18.52 14.96 11.26
CA ARG B 336 19.29 14.70 10.05
C ARG B 336 18.67 15.28 8.78
N LEU B 337 17.49 15.89 8.92
CA LEU B 337 16.84 16.59 7.82
C LEU B 337 17.62 17.87 7.48
N GLN B 338 18.03 17.98 6.23
CA GLN B 338 18.77 19.13 5.72
C GLN B 338 17.83 20.05 4.94
N PRO B 339 18.22 21.31 4.69
CA PRO B 339 17.48 22.19 3.79
C PRO B 339 17.83 21.91 2.34
N VAL B 340 16.99 22.43 1.43
CA VAL B 340 17.32 22.45 0.01
C VAL B 340 18.55 23.33 -0.13
N CYS B 341 19.54 22.84 -0.89
CA CYS B 341 20.80 23.54 -1.09
C CYS B 341 20.58 25.00 -1.49
N GLY B 342 21.14 25.92 -0.71
CA GLY B 342 21.03 27.35 -0.96
C GLY B 342 19.63 27.91 -0.80
N ARG B 343 18.80 27.24 0.01
CA ARG B 343 17.49 27.74 0.41
C ARG B 343 17.48 27.87 1.93
N MET B 344 17.58 29.12 2.41
CA MET B 344 17.78 29.45 3.81
C MET B 344 18.73 28.48 4.50
N GLU B 345 19.88 28.25 3.86
CA GLU B 345 20.86 27.28 4.32
C GLU B 345 21.81 27.92 5.33
N VAL B 346 21.71 27.48 6.58
CA VAL B 346 22.45 28.07 7.67
C VAL B 346 23.86 27.49 7.75
N PHE B 347 24.82 28.39 8.02
CA PHE B 347 26.19 28.03 8.34
C PHE B 347 26.54 28.69 9.67
N THR B 348 26.87 27.84 10.66
CA THR B 348 27.26 28.29 11.98
C THR B 348 28.62 27.74 12.25
N ALA B 349 29.37 28.45 13.11
CA ALA B 349 30.65 28.00 13.56
C ALA B 349 30.83 28.53 14.99
N PRO B 350 31.54 27.79 15.86
CA PRO B 350 31.81 28.25 17.22
C PRO B 350 32.33 29.68 17.25
N GLY B 351 31.63 30.55 17.98
CA GLY B 351 32.07 31.90 18.27
C GLY B 351 31.97 32.91 17.14
N LYS B 352 31.37 32.51 16.02
CA LYS B 352 31.24 33.36 14.85
C LYS B 352 29.78 33.68 14.57
N PRO B 353 29.47 34.70 13.74
CA PRO B 353 28.08 34.99 13.38
C PRO B 353 27.45 33.87 12.57
N THR B 354 26.12 33.73 12.69
CA THR B 354 25.35 32.83 11.84
C THR B 354 25.26 33.43 10.46
N VAL B 355 25.52 32.61 9.42
CA VAL B 355 25.41 33.02 8.02
C VAL B 355 24.39 32.13 7.29
N VAL B 356 23.40 32.77 6.66
CA VAL B 356 22.40 32.09 5.86
C VAL B 356 22.64 32.43 4.39
N VAL B 357 22.78 31.39 3.57
CA VAL B 357 22.84 31.54 2.12
C VAL B 357 21.48 31.20 1.54
N ASP B 358 20.92 32.16 0.78
CA ASP B 358 19.62 31.99 0.11
C ASP B 358 19.68 32.56 -1.28
N TYR B 359 18.92 31.95 -2.20
CA TYR B 359 18.93 32.34 -3.60
C TYR B 359 18.05 33.55 -3.90
N ALA B 360 17.30 34.02 -2.88
CA ALA B 360 16.42 35.20 -2.99
C ALA B 360 17.02 36.30 -3.86
N HIS B 361 16.43 36.50 -5.04
CA HIS B 361 16.88 37.50 -6.02
C HIS B 361 15.74 38.37 -6.59
N THR B 362 14.63 38.46 -5.84
CA THR B 362 13.53 39.37 -6.16
C THR B 362 13.10 40.06 -4.87
N PRO B 363 12.40 41.22 -4.95
CA PRO B 363 11.99 41.94 -3.74
C PRO B 363 11.20 41.10 -2.73
N ASP B 364 10.17 40.40 -3.21
N ASP B 364 10.17 40.40 -3.23
CA ASP B 364 9.34 39.54 -2.38
CA ASP B 364 9.33 39.52 -2.41
C ASP B 364 10.15 38.44 -1.67
C ASP B 364 10.15 38.45 -1.69
N ALA B 365 11.00 37.75 -2.45
CA ALA B 365 11.85 36.68 -1.92
C ALA B 365 12.86 37.19 -0.88
N LEU B 366 13.45 38.37 -1.15
CA LEU B 366 14.40 38.99 -0.24
C LEU B 366 13.72 39.35 1.08
N GLU B 367 12.53 39.96 0.99
CA GLU B 367 11.75 40.30 2.17
C GLU B 367 11.46 39.07 3.03
N LYS B 368 11.01 37.99 2.38
CA LYS B 368 10.71 36.74 3.06
C LYS B 368 11.95 36.21 3.78
N ALA B 369 13.07 36.17 3.07
CA ALA B 369 14.33 35.63 3.59
C ALA B 369 14.83 36.41 4.81
N LEU B 370 14.72 37.74 4.76
CA LEU B 370 15.11 38.62 5.86
C LEU B 370 14.20 38.46 7.08
N GLN B 371 12.88 38.41 6.83
CA GLN B 371 11.87 38.16 7.87
C GLN B 371 12.09 36.79 8.53
N ALA B 372 12.41 35.79 7.70
CA ALA B 372 12.76 34.45 8.18
C ALA B 372 14.03 34.50 9.04
N ALA B 373 15.08 35.12 8.49
CA ALA B 373 16.37 35.25 9.17
C ALA B 373 16.26 35.99 10.51
N ARG B 374 15.41 37.02 10.55
CA ARG B 374 15.23 37.87 11.73
C ARG B 374 14.86 37.08 12.98
N LEU B 375 14.03 36.04 12.80
CA LEU B 375 13.53 35.20 13.88
C LEU B 375 14.67 34.52 14.64
N HIS B 376 15.76 34.21 13.92
CA HIS B 376 16.93 33.55 14.49
C HIS B 376 18.03 34.52 14.95
N CYS B 377 17.75 35.83 14.86
CA CYS B 377 18.76 36.86 15.05
C CYS B 377 18.57 37.64 16.35
N ALA B 378 19.45 37.38 17.31
CA ALA B 378 19.47 38.08 18.60
C ALA B 378 20.09 39.47 18.47
N GLY B 379 21.14 39.57 17.65
CA GLY B 379 21.86 40.81 17.42
C GLY B 379 21.34 41.54 16.20
N LYS B 380 22.28 41.93 15.32
CA LYS B 380 22.01 42.66 14.08
C LYS B 380 21.87 41.72 12.89
N LEU B 381 20.90 42.02 12.01
CA LEU B 381 20.71 41.31 10.75
C LEU B 381 21.41 42.06 9.62
N TRP B 382 22.37 41.38 8.98
CA TRP B 382 23.10 41.89 7.82
C TRP B 382 22.56 41.26 6.54
N CYS B 383 22.45 42.07 5.49
CA CYS B 383 22.03 41.59 4.17
C CYS B 383 23.10 41.92 3.13
N VAL B 384 23.73 40.89 2.59
CA VAL B 384 24.69 41.02 1.49
C VAL B 384 24.00 40.57 0.20
N PHE B 385 23.90 41.48 -0.77
CA PHE B 385 23.23 41.21 -2.03
C PHE B 385 23.66 42.17 -3.14
N GLY B 386 23.27 41.81 -4.36
CA GLY B 386 23.43 42.64 -5.54
C GLY B 386 22.29 42.34 -6.49
N CYS B 387 22.36 42.90 -7.70
CA CYS B 387 21.38 42.64 -8.75
C CYS B 387 22.08 42.32 -10.07
N GLY B 388 21.41 41.50 -10.88
CA GLY B 388 21.91 41.07 -12.16
C GLY B 388 22.00 42.22 -13.13
N GLY B 389 23.06 42.22 -13.94
CA GLY B 389 23.26 43.21 -14.99
C GLY B 389 22.61 42.77 -16.29
N ASP B 390 22.32 43.75 -17.16
CA ASP B 390 21.67 43.54 -18.46
C ASP B 390 20.30 42.85 -18.33
N ARG B 391 19.57 43.18 -17.27
CA ARG B 391 18.19 42.71 -17.11
C ARG B 391 17.53 43.20 -15.83
N ASP B 392 16.19 43.06 -15.80
CA ASP B 392 15.38 43.22 -14.60
C ASP B 392 15.83 44.41 -13.74
N LYS B 393 15.78 45.61 -14.32
CA LYS B 393 16.34 46.82 -13.71
C LYS B 393 15.34 47.51 -12.76
N GLY B 394 14.06 47.21 -12.96
CA GLY B 394 12.99 47.73 -12.12
C GLY B 394 13.09 47.33 -10.66
N LYS B 395 13.57 46.11 -10.42
CA LYS B 395 13.65 45.53 -9.07
C LYS B 395 14.74 46.17 -8.20
N ARG B 396 15.76 46.76 -8.84
CA ARG B 396 16.95 47.24 -8.16
C ARG B 396 16.65 48.15 -6.97
N PRO B 397 15.92 49.27 -7.15
CA PRO B 397 15.60 50.16 -6.02
C PRO B 397 14.62 49.52 -5.02
N LEU B 398 13.78 48.59 -5.50
CA LEU B 398 12.84 47.85 -4.65
C LEU B 398 13.58 46.94 -3.68
N MET B 399 14.59 46.23 -4.19
N MET B 399 14.58 46.22 -4.22
CA MET B 399 15.43 45.36 -3.38
CA MET B 399 15.49 45.36 -3.47
C MET B 399 16.31 46.15 -2.42
C MET B 399 16.29 46.15 -2.44
N GLY B 400 16.76 47.34 -2.86
CA GLY B 400 17.45 48.27 -1.98
C GLY B 400 16.58 48.69 -0.81
N ALA B 401 15.33 49.05 -1.11
CA ALA B 401 14.36 49.48 -0.10
C ALA B 401 14.10 48.39 0.93
N ILE B 402 13.88 47.17 0.45
CA ILE B 402 13.62 46.00 1.29
C ILE B 402 14.83 45.69 2.17
N ALA B 403 16.03 45.72 1.60
CA ALA B 403 17.27 45.50 2.35
C ALA B 403 17.39 46.50 3.49
N GLU B 404 17.07 47.76 3.22
CA GLU B 404 17.15 48.82 4.21
C GLU B 404 16.16 48.60 5.36
N GLU B 405 14.91 48.27 5.01
CA GLU B 405 13.83 48.15 5.99
C GLU B 405 13.92 46.90 6.87
N PHE B 406 14.17 45.75 6.25
CA PHE B 406 14.08 44.45 6.92
C PHE B 406 15.43 43.88 7.39
N ALA B 407 16.51 44.61 7.11
CA ALA B 407 17.83 44.33 7.67
C ALA B 407 18.34 45.56 8.39
N ASP B 408 19.28 45.36 9.32
CA ASP B 408 19.92 46.43 10.07
C ASP B 408 21.05 47.04 9.28
N VAL B 409 21.82 46.19 8.59
CA VAL B 409 22.93 46.62 7.75
C VAL B 409 22.84 46.00 6.36
N ALA B 410 22.85 46.84 5.33
CA ALA B 410 22.79 46.41 3.93
C ALA B 410 24.17 46.55 3.30
N VAL B 411 24.72 45.41 2.86
CA VAL B 411 25.98 45.38 2.14
C VAL B 411 25.71 45.13 0.66
N VAL B 412 25.67 46.21 -0.13
CA VAL B 412 25.37 46.14 -1.57
C VAL B 412 26.66 45.83 -2.33
N THR B 413 26.59 44.81 -3.18
CA THR B 413 27.74 44.31 -3.93
C THR B 413 27.31 43.85 -5.31
N ASP B 414 28.17 43.08 -5.98
CA ASP B 414 27.93 42.59 -7.34
C ASP B 414 27.27 41.21 -7.32
N ASP B 415 26.44 40.95 -8.34
CA ASP B 415 25.75 39.70 -8.54
C ASP B 415 25.46 39.52 -10.03
N ASN B 416 26.41 38.92 -10.76
CA ASN B 416 26.33 38.71 -12.21
C ASN B 416 26.12 40.03 -12.94
N PRO B 417 27.13 40.93 -12.93
CA PRO B 417 26.99 42.23 -13.61
C PRO B 417 26.97 42.16 -15.14
N ARG B 418 27.47 41.06 -15.70
CA ARG B 418 27.50 40.84 -17.16
C ARG B 418 28.27 41.98 -17.85
N THR B 419 27.71 42.57 -18.91
CA THR B 419 28.38 43.65 -19.65
C THR B 419 28.21 45.02 -18.99
N GLU B 420 27.17 45.15 -18.15
CA GLU B 420 26.82 46.40 -17.48
C GLU B 420 27.85 46.82 -16.42
N GLU B 421 28.09 48.13 -16.33
CA GLU B 421 29.00 48.70 -15.36
C GLU B 421 28.52 48.32 -13.97
N PRO B 422 29.31 47.54 -13.19
CA PRO B 422 28.87 47.07 -11.87
C PRO B 422 28.35 48.18 -10.95
N ARG B 423 29.11 49.29 -10.86
CA ARG B 423 28.76 50.41 -9.98
C ARG B 423 27.43 51.06 -10.36
N ALA B 424 27.12 51.03 -11.66
CA ALA B 424 25.85 51.55 -12.18
C ALA B 424 24.67 50.79 -11.59
N ILE B 425 24.83 49.47 -11.46
CA ILE B 425 23.79 48.60 -10.91
C ILE B 425 23.58 48.92 -9.44
N ILE B 426 24.70 49.05 -8.71
CA ILE B 426 24.70 49.41 -7.30
C ILE B 426 23.99 50.74 -7.07
N ASN B 427 24.31 51.74 -7.89
CA ASN B 427 23.67 53.05 -7.80
C ASN B 427 22.15 52.97 -7.97
N ASP B 428 21.69 52.14 -8.91
CA ASP B 428 20.27 51.87 -9.11
C ASP B 428 19.63 51.26 -7.84
N ILE B 429 20.38 50.38 -7.16
CA ILE B 429 19.93 49.78 -5.92
C ILE B 429 19.83 50.84 -4.83
N LEU B 430 20.92 51.59 -4.62
CA LEU B 430 20.98 52.66 -3.64
C LEU B 430 19.89 53.73 -3.81
N ALA B 431 19.52 54.01 -5.07
CA ALA B 431 18.47 54.98 -5.39
C ALA B 431 17.20 54.69 -4.61
N GLY B 432 16.91 53.40 -4.41
CA GLY B 432 15.75 52.94 -3.68
C GLY B 432 15.74 53.21 -2.17
N MET B 433 16.91 53.53 -1.60
CA MET B 433 17.07 53.68 -0.15
C MET B 433 16.84 55.10 0.34
N LEU B 434 16.28 55.21 1.55
CA LEU B 434 16.08 56.47 2.26
C LEU B 434 17.41 56.99 2.80
N ASP B 435 18.29 56.07 3.18
CA ASP B 435 19.59 56.40 3.76
C ASP B 435 20.69 55.53 3.15
N ALA B 436 20.98 55.77 1.87
CA ALA B 436 22.00 55.04 1.14
C ALA B 436 23.36 55.17 1.82
N GLY B 437 23.62 56.32 2.43
CA GLY B 437 24.87 56.62 3.10
C GLY B 437 25.26 55.63 4.20
N HIS B 438 24.25 55.07 4.88
CA HIS B 438 24.45 54.09 5.94
C HIS B 438 24.49 52.63 5.43
N ALA B 439 24.26 52.46 4.13
CA ALA B 439 24.52 51.20 3.44
C ALA B 439 26.02 51.09 3.18
N LYS B 440 26.55 49.88 3.33
CA LYS B 440 27.93 49.56 2.96
C LYS B 440 27.93 49.11 1.52
N VAL B 441 28.85 49.66 0.72
CA VAL B 441 28.98 49.33 -0.68
C VAL B 441 30.38 48.75 -0.88
N MET B 442 30.46 47.61 -1.57
CA MET B 442 31.72 46.92 -1.77
C MET B 442 31.66 46.00 -2.98
N GLU B 443 32.40 46.37 -4.03
CA GLU B 443 32.53 45.55 -5.20
C GLU B 443 33.59 44.50 -4.95
N GLY B 444 33.42 43.36 -5.62
CA GLY B 444 34.02 42.13 -5.22
C GLY B 444 33.01 41.52 -4.27
N ARG B 445 32.21 40.57 -4.78
CA ARG B 445 31.20 39.89 -3.98
C ARG B 445 31.87 39.18 -2.81
N ALA B 446 32.94 38.42 -3.11
CA ALA B 446 33.76 37.73 -2.12
C ALA B 446 34.18 38.66 -0.98
N GLU B 447 34.67 39.85 -1.33
CA GLU B 447 35.14 40.84 -0.39
C GLU B 447 33.97 41.36 0.46
N ALA B 448 32.82 41.56 -0.18
CA ALA B 448 31.63 42.09 0.48
C ALA B 448 31.04 41.09 1.48
N VAL B 449 31.01 39.81 1.09
CA VAL B 449 30.62 38.73 1.99
C VAL B 449 31.60 38.69 3.16
N THR B 450 32.90 38.71 2.83
CA THR B 450 33.96 38.73 3.82
C THR B 450 33.78 39.90 4.79
N CYS B 451 33.42 41.07 4.24
CA CYS B 451 33.17 42.28 5.02
C CYS B 451 32.05 42.13 6.05
N ALA B 452 30.94 41.52 5.64
CA ALA B 452 29.79 41.31 6.52
C ALA B 452 30.13 40.31 7.60
N VAL B 453 30.68 39.17 7.19
CA VAL B 453 30.99 38.06 8.11
C VAL B 453 32.06 38.44 9.14
N MET B 454 33.07 39.21 8.71
CA MET B 454 34.19 39.59 9.57
C MET B 454 33.81 40.66 10.59
N GLN B 455 32.93 41.59 10.21
CA GLN B 455 32.50 42.70 11.07
C GLN B 455 31.34 42.33 11.97
N ALA B 456 30.52 41.36 11.53
CA ALA B 456 29.35 40.93 12.29
C ALA B 456 29.76 40.38 13.64
N LYS B 457 28.94 40.63 14.67
CA LYS B 457 29.12 40.08 16.00
C LYS B 457 28.70 38.61 16.08
N GLU B 458 29.01 37.98 17.21
CA GLU B 458 28.75 36.56 17.43
C GLU B 458 27.27 36.18 17.35
N ASN B 459 26.41 37.07 17.85
CA ASN B 459 24.96 36.85 17.86
C ASN B 459 24.21 37.60 16.75
N ASP B 460 24.95 38.03 15.72
CA ASP B 460 24.37 38.63 14.52
C ASP B 460 24.07 37.52 13.52
N VAL B 461 23.29 37.87 12.49
CA VAL B 461 22.98 36.98 11.38
C VAL B 461 23.29 37.72 10.09
N VAL B 462 24.01 37.06 9.19
CA VAL B 462 24.32 37.59 7.88
C VAL B 462 23.58 36.77 6.83
N LEU B 463 22.62 37.40 6.16
CA LEU B 463 21.98 36.82 4.99
C LEU B 463 22.80 37.20 3.76
N VAL B 464 23.35 36.19 3.07
CA VAL B 464 23.99 36.35 1.77
C VAL B 464 22.99 35.87 0.71
N ALA B 465 22.30 36.83 0.08
CA ALA B 465 21.19 36.59 -0.82
C ALA B 465 21.58 36.68 -2.30
N GLY B 466 20.83 35.97 -3.16
CA GLY B 466 20.90 36.16 -4.60
C GLY B 466 21.35 34.99 -5.45
N LYS B 467 22.27 34.17 -4.92
CA LYS B 467 22.87 33.07 -5.67
C LYS B 467 22.45 31.68 -5.17
N GLY B 468 22.43 31.49 -3.85
CA GLY B 468 22.11 30.22 -3.25
C GLY B 468 23.08 29.12 -3.67
N HIS B 469 22.59 28.17 -4.47
CA HIS B 469 23.35 26.99 -4.89
C HIS B 469 24.30 27.26 -6.07
N GLU B 470 24.06 28.36 -6.79
CA GLU B 470 24.84 28.71 -7.99
C GLU B 470 26.31 28.86 -7.64
N ASP B 471 27.19 28.38 -8.53
CA ASP B 471 28.62 28.30 -8.28
C ASP B 471 29.42 29.13 -9.29
N TYR B 472 28.89 30.31 -9.65
CA TYR B 472 29.50 31.17 -10.64
C TYR B 472 29.10 32.66 -10.51
N GLN B 473 30.01 33.54 -10.93
CA GLN B 473 29.75 34.96 -11.09
C GLN B 473 30.01 35.30 -12.56
N ILE B 474 28.99 35.79 -13.26
CA ILE B 474 29.09 36.15 -14.68
C ILE B 474 29.59 37.59 -14.82
N VAL B 475 30.89 37.73 -15.12
CA VAL B 475 31.52 39.01 -15.40
C VAL B 475 31.84 39.11 -16.89
N GLY B 476 31.20 40.06 -17.57
CA GLY B 476 31.28 40.22 -19.01
C GLY B 476 30.43 39.15 -19.66
N ASN B 477 31.07 38.28 -20.45
CA ASN B 477 30.44 37.07 -20.98
C ASN B 477 30.91 35.79 -20.26
N GLN B 478 32.06 35.89 -19.58
CA GLN B 478 32.68 34.80 -18.84
C GLN B 478 31.87 34.37 -17.62
N ARG B 479 31.96 33.08 -17.30
CA ARG B 479 31.35 32.50 -16.12
C ARG B 479 32.47 32.13 -15.14
N LEU B 480 32.90 33.11 -14.34
CA LEU B 480 33.98 32.93 -13.37
C LEU B 480 33.54 31.99 -12.24
N ASP B 481 34.50 31.24 -11.69
CA ASP B 481 34.26 30.32 -10.59
C ASP B 481 34.16 31.09 -9.27
N TYR B 482 32.96 31.07 -8.69
CA TYR B 482 32.70 31.67 -7.38
C TYR B 482 31.46 31.02 -6.75
N SER B 483 31.52 30.77 -5.44
CA SER B 483 30.39 30.26 -4.67
C SER B 483 30.25 30.98 -3.33
N ASP B 484 29.05 31.51 -3.06
CA ASP B 484 28.68 32.05 -1.75
C ASP B 484 28.91 31.00 -0.66
N ARG B 485 28.46 29.77 -0.93
CA ARG B 485 28.51 28.67 0.02
C ARG B 485 29.96 28.36 0.43
N VAL B 486 30.85 28.30 -0.56
CA VAL B 486 32.26 28.00 -0.32
C VAL B 486 32.97 29.15 0.40
N THR B 487 32.64 30.39 0.00
CA THR B 487 33.23 31.60 0.59
C THR B 487 32.87 31.70 2.07
N VAL B 488 31.57 31.59 2.35
CA VAL B 488 31.04 31.60 3.70
C VAL B 488 31.71 30.48 4.53
N ALA B 489 31.77 29.28 3.95
CA ALA B 489 32.32 28.09 4.63
C ALA B 489 33.78 28.27 5.07
N ARG B 490 34.61 28.83 4.18
CA ARG B 490 36.02 29.09 4.45
C ARG B 490 36.22 30.13 5.56
N LEU B 491 35.41 31.20 5.51
CA LEU B 491 35.48 32.26 6.51
C LEU B 491 35.12 31.74 7.89
N LEU B 492 34.08 30.90 7.96
CA LEU B 492 33.62 30.33 9.22
C LEU B 492 34.46 29.14 9.71
N GLY B 493 35.31 28.59 8.83
CA GLY B 493 36.15 27.46 9.15
C GLY B 493 35.38 26.15 9.19
N VAL B 494 34.53 25.94 8.17
CA VAL B 494 33.71 24.74 8.02
C VAL B 494 33.70 24.32 6.55
N ILE B 495 33.02 23.21 6.25
CA ILE B 495 32.95 22.66 4.89
C ILE B 495 31.55 22.86 4.32
N ALA B 496 31.47 23.33 3.08
CA ALA B 496 30.21 23.59 2.39
C ALA B 496 29.63 22.28 1.86
C10 JHP C . -15.15 -8.83 8.49
C13 JHP C . -16.24 -6.77 8.74
C01 JHP C . -11.42 -7.38 14.40
N02 JHP C . -11.52 -7.78 13.01
C03 JHP C . -10.45 -8.04 12.17
C04 JHP C . -11.03 -8.52 11.00
C05 JHP C . -12.47 -8.50 11.24
N06 JHP C . -12.72 -8.02 12.48
C07 JHP C . -13.66 -8.97 10.49
O08 JHP C . -14.37 -9.84 10.98
N09 JHP C . -13.97 -8.40 9.27
C11 JHP C . -15.18 -8.23 7.09
C12 JHP C . -15.62 -6.79 7.34
C14 JHP C . -16.43 -8.24 9.09
CL15 JHP C . -10.13 -9.05 9.71
C10 JHP D . -5.39 19.00 -1.75
C13 JHP D . -5.35 18.76 0.64
C01 JHP D . -7.39 17.07 -8.24
N02 JHP D . -6.52 16.95 -7.10
C03 JHP D . -5.42 16.12 -6.91
C04 JHP D . -4.89 16.50 -5.70
C05 JHP D . -5.77 17.55 -5.22
N06 JHP D . -6.74 17.78 -6.11
C07 JHP D . -5.89 18.43 -4.07
O08 JHP D . -6.60 19.42 -4.17
N09 JHP D . -5.24 18.12 -2.92
C11 JHP D . -6.84 18.88 -1.21
C12 JHP D . -6.71 18.28 0.18
C14 JHP D . -4.47 18.56 -0.58
CL15 JHP D . -3.52 15.83 -5.06
C1 IPA E . -3.62 23.88 -4.05
C2 IPA E . -4.80 23.02 -3.74
C3 IPA E . -5.23 22.15 -4.88
O2 IPA E . -5.90 23.83 -3.31
#